data_4E8Z
#
_entry.id   4E8Z
#
_cell.length_a   68.766
_cell.length_b   68.766
_cell.length_c   338.470
_cell.angle_alpha   90.00
_cell.angle_beta   90.00
_cell.angle_gamma   90.00
#
_symmetry.space_group_name_H-M   'P 41 2 2'
#
loop_
_entity.id
_entity.type
_entity.pdbx_description
1 polymer 'D-beta-D-heptose 7-phosphate kinase'
2 non-polymer '{[2-({[5-(2,6-dichlorophenyl)-1,2,4-triazin-3-yl]amino}methyl)-1,3-benzothiazol-5-yl]oxy}acetic acid'
3 non-polymer 'POTASSIUM ION'
4 water water
#
_entity_poly.entity_id   1
_entity_poly.type   'polypeptide(L)'
_entity_poly.pdbx_seq_one_letter_code
;MSYYHHHHHHLESTSLYKKAGLDYDIPTTENLYFQGMNTLREVVPVPREQLARSRVLVVGDVMLDRYWFGNVDRISPEAP
VPVVHVQRQEERLGGAANVARNAVTLGGQAGLLCVVGCDEPGERIVELLGSSGVTPHLERDPALPTTIKLRVLARQQQLL
RVDFEAMPTHEVLLAGLARFDVLLPQHDVVLMSDYAKGGLTHVTTMIEKARAAGKAVLVDPKGDDWARYRGASLITPNRA
ELREVVGQWKSEDDLRARVANLRAELDIDALLLTRSEEGMTLFSAGGELHAPALAREVFDVSGAGDTVIATVATMLGAGV
PLVDAVVLANRAAGIVVGKLGTATVDYDELFH
;
_entity_poly.pdbx_strand_id   A,B
#
loop_
_chem_comp.id
_chem_comp.type
_chem_comp.name
_chem_comp.formula
IHC non-polymer '{[2-({[5-(2,6-dichlorophenyl)-1,2,4-triazin-3-yl]amino}methyl)-1,3-benzothiazol-5-yl]oxy}acetic acid' 'C19 H13 Cl2 N5 O3 S'
K non-polymer 'POTASSIUM ION' 'K 1'
#
# COMPACT_ATOMS: atom_id res chain seq x y z
N VAL A 43 31.88 17.40 24.29
CA VAL A 43 30.84 17.89 23.38
C VAL A 43 29.77 18.69 24.12
N VAL A 44 29.36 19.81 23.52
CA VAL A 44 28.32 20.67 24.07
C VAL A 44 26.94 20.05 23.87
N PRO A 45 26.06 20.15 24.88
CA PRO A 45 24.66 19.69 24.77
C PRO A 45 23.91 20.29 23.58
N VAL A 46 22.76 19.70 23.26
CA VAL A 46 21.97 20.13 22.11
C VAL A 46 20.56 20.53 22.56
N PRO A 47 20.18 21.79 22.30
CA PRO A 47 18.89 22.37 22.71
C PRO A 47 17.69 21.48 22.37
N ARG A 48 16.67 21.54 23.23
CA ARG A 48 15.47 20.72 23.08
C ARG A 48 14.68 21.12 21.84
N GLU A 49 14.82 22.40 21.45
CA GLU A 49 14.16 22.90 20.26
C GLU A 49 14.85 22.42 18.98
N GLN A 50 16.17 22.28 19.04
CA GLN A 50 16.94 21.76 17.92
C GLN A 50 16.53 20.32 17.59
N LEU A 51 16.55 19.48 18.61
CA LEU A 51 16.20 18.07 18.46
C LEU A 51 14.76 17.90 17.99
N ALA A 52 13.86 18.75 18.47
CA ALA A 52 12.46 18.68 18.10
C ALA A 52 12.26 18.88 16.60
N ARG A 53 13.21 19.56 15.95
CA ARG A 53 13.14 19.80 14.51
C ARG A 53 13.65 18.61 13.71
N SER A 54 14.44 17.76 14.36
CA SER A 54 15.07 16.63 13.68
C SER A 54 14.08 15.57 13.21
N ARG A 55 14.01 15.37 11.90
CA ARG A 55 13.15 14.35 11.32
C ARG A 55 13.99 13.21 10.76
N VAL A 56 13.65 11.98 11.14
CA VAL A 56 14.39 10.80 10.66
C VAL A 56 13.47 9.83 9.94
N LEU A 57 13.84 9.48 8.71
CA LEU A 57 13.08 8.50 7.94
C LEU A 57 13.69 7.12 8.10
N VAL A 58 13.05 6.27 8.89
CA VAL A 58 13.52 4.92 9.12
C VAL A 58 12.87 3.94 8.15
N VAL A 59 13.67 3.33 7.30
CA VAL A 59 13.16 2.40 6.31
C VAL A 59 13.76 1.02 6.51
N GLY A 60 12.90 0.01 6.63
CA GLY A 60 13.37 -1.35 6.78
C GLY A 60 12.32 -2.36 7.20
N ASP A 61 12.77 -3.35 7.97
CA ASP A 61 11.91 -4.44 8.40
C ASP A 61 11.40 -4.24 9.82
N VAL A 62 10.08 -4.16 9.98
CA VAL A 62 9.49 -4.12 11.30
C VAL A 62 9.00 -5.50 11.68
N MET A 63 8.98 -5.77 12.99
CA MET A 63 8.54 -7.06 13.48
C MET A 63 8.03 -6.94 14.91
N LEU A 64 7.12 -7.82 15.28
CA LEU A 64 6.58 -7.83 16.62
C LEU A 64 7.27 -8.88 17.47
N ASP A 65 7.94 -8.44 18.53
CA ASP A 65 8.54 -9.35 19.49
C ASP A 65 7.50 -9.79 20.52
N ARG A 66 7.19 -11.07 20.53
CA ARG A 66 6.16 -11.61 21.40
C ARG A 66 6.75 -12.73 22.26
N TYR A 67 6.31 -12.80 23.51
CA TYR A 67 6.86 -13.78 24.46
C TYR A 67 5.76 -14.50 25.19
N TRP A 68 5.87 -15.83 25.28
CA TRP A 68 4.88 -16.62 26.01
C TRP A 68 5.47 -17.27 27.24
N PHE A 69 5.16 -16.72 28.41
CA PHE A 69 5.63 -17.26 29.66
C PHE A 69 4.59 -18.21 30.24
N GLY A 70 4.99 -19.47 30.38
CA GLY A 70 4.12 -20.47 30.96
C GLY A 70 4.91 -21.42 31.83
N ASN A 71 4.26 -22.49 32.28
CA ASN A 71 4.93 -23.52 33.05
C ASN A 71 4.58 -24.91 32.54
N VAL A 72 5.61 -25.76 32.44
CA VAL A 72 5.40 -27.12 31.97
C VAL A 72 5.42 -28.10 33.16
N ASP A 73 4.48 -29.04 33.14
CA ASP A 73 4.37 -30.00 34.24
C ASP A 73 4.23 -31.43 33.73
N ARG A 74 3.92 -31.59 32.45
CA ARG A 74 3.70 -32.91 31.88
C ARG A 74 4.18 -33.03 30.44
N ILE A 75 4.13 -34.25 29.92
CA ILE A 75 4.50 -34.53 28.53
C ILE A 75 3.24 -34.77 27.71
N SER A 76 3.23 -34.27 26.48
CA SER A 76 2.10 -34.46 25.57
C SER A 76 1.80 -35.95 25.38
N PRO A 77 0.51 -36.30 25.40
CA PRO A 77 0.08 -37.70 25.25
C PRO A 77 0.33 -38.23 23.85
N GLU A 78 0.54 -37.33 22.89
CA GLU A 78 0.69 -37.70 21.49
C GLU A 78 2.11 -37.55 20.96
N ALA A 79 3.02 -37.05 21.80
CA ALA A 79 4.40 -36.82 21.39
C ALA A 79 5.31 -36.64 22.61
N PRO A 80 6.57 -37.08 22.51
CA PRO A 80 7.55 -36.96 23.59
C PRO A 80 8.02 -35.52 23.78
N VAL A 81 7.07 -34.59 23.83
CA VAL A 81 7.38 -33.17 23.93
C VAL A 81 6.66 -32.56 25.12
N PRO A 82 7.23 -31.49 25.71
CA PRO A 82 6.62 -30.83 26.86
C PRO A 82 5.29 -30.14 26.50
N VAL A 83 4.49 -29.86 27.52
CA VAL A 83 3.26 -29.10 27.33
C VAL A 83 3.33 -27.77 28.06
N VAL A 84 3.37 -26.67 27.30
CA VAL A 84 3.47 -25.34 27.89
C VAL A 84 2.10 -24.73 28.15
N HIS A 85 1.73 -24.61 29.42
CA HIS A 85 0.51 -23.90 29.78
C HIS A 85 0.82 -22.42 29.98
N VAL A 86 0.60 -21.63 28.94
CA VAL A 86 0.92 -20.20 28.94
C VAL A 86 0.14 -19.45 30.02
N GLN A 87 0.84 -18.60 30.76
CA GLN A 87 0.23 -17.83 31.83
C GLN A 87 0.28 -16.34 31.54
N ARG A 88 1.14 -15.95 30.59
CA ARG A 88 1.39 -14.54 30.35
C ARG A 88 2.02 -14.28 28.97
N GLN A 89 1.57 -13.20 28.32
CA GLN A 89 2.18 -12.77 27.07
C GLN A 89 2.72 -11.34 27.18
N GLU A 90 3.98 -11.15 26.79
CA GLU A 90 4.56 -9.82 26.71
C GLU A 90 4.84 -9.46 25.26
N GLU A 91 4.72 -8.17 24.93
CA GLU A 91 4.83 -7.71 23.55
C GLU A 91 5.66 -6.43 23.46
N ARG A 92 6.38 -6.28 22.37
CA ARG A 92 7.12 -5.04 22.11
C ARG A 92 7.48 -4.88 20.64
N LEU A 93 7.62 -3.64 20.21
CA LEU A 93 8.04 -3.35 18.85
C LEU A 93 9.48 -3.78 18.64
N GLY A 94 9.72 -4.50 17.55
CA GLY A 94 11.06 -4.94 17.21
C GLY A 94 11.39 -4.58 15.79
N GLY A 95 12.66 -4.78 15.42
CA GLY A 95 13.11 -4.46 14.07
C GLY A 95 13.30 -2.97 13.88
N ALA A 96 12.87 -2.47 12.73
CA ALA A 96 13.02 -1.05 12.39
C ALA A 96 12.15 -0.18 13.29
N ALA A 97 11.08 -0.77 13.82
CA ALA A 97 10.14 -0.07 14.69
C ALA A 97 10.81 0.37 15.99
N ASN A 98 11.73 -0.45 16.48
CA ASN A 98 12.45 -0.14 17.70
C ASN A 98 13.42 1.02 17.51
N VAL A 99 14.08 1.03 16.36
CA VAL A 99 15.02 2.09 16.04
C VAL A 99 14.28 3.43 15.95
N ALA A 100 13.10 3.40 15.34
CA ALA A 100 12.28 4.60 15.21
C ALA A 100 11.77 5.07 16.57
N ARG A 101 11.56 4.12 17.48
CA ARG A 101 11.08 4.45 18.82
C ARG A 101 12.12 5.21 19.63
N ASN A 102 13.39 4.83 19.45
CA ASN A 102 14.49 5.48 20.14
C ASN A 102 14.68 6.93 19.71
N ALA A 103 14.44 7.18 18.42
CA ALA A 103 14.61 8.50 17.85
C ALA A 103 13.62 9.51 18.45
N VAL A 104 12.42 9.05 18.76
CA VAL A 104 11.37 9.92 19.26
C VAL A 104 11.63 10.39 20.69
N THR A 105 12.04 9.47 21.55
CA THR A 105 12.23 9.75 22.96
C THR A 105 13.36 10.76 23.21
N LEU A 106 14.35 10.76 22.31
CA LEU A 106 15.46 11.69 22.41
C LEU A 106 15.01 13.12 22.12
N GLY A 107 13.85 13.25 21.48
CA GLY A 107 13.28 14.55 21.17
C GLY A 107 12.91 14.72 19.72
N GLY A 108 13.62 14.03 18.83
CA GLY A 108 13.41 14.17 17.40
C GLY A 108 12.16 13.50 16.89
N GLN A 109 11.74 13.89 15.69
CA GLN A 109 10.61 13.25 15.03
C GLN A 109 11.11 12.04 14.24
N ALA A 110 10.24 11.05 14.04
CA ALA A 110 10.64 9.83 13.34
C ALA A 110 9.53 9.27 12.44
N GLY A 111 9.90 8.97 11.20
CA GLY A 111 8.98 8.32 10.27
C GLY A 111 9.42 6.89 10.03
N LEU A 112 8.45 6.00 9.78
CA LEU A 112 8.76 4.58 9.62
C LEU A 112 8.13 4.00 8.35
N LEU A 113 8.93 3.87 7.30
CA LEU A 113 8.49 3.24 6.07
C LEU A 113 8.81 1.76 6.12
N CYS A 114 7.77 0.93 6.01
CA CYS A 114 7.91 -0.51 6.15
C CYS A 114 6.67 -1.21 5.61
N VAL A 115 6.74 -2.54 5.53
CA VAL A 115 5.61 -3.35 5.08
C VAL A 115 5.03 -4.17 6.22
N VAL A 116 3.71 -4.16 6.33
CA VAL A 116 3.02 -4.88 7.39
C VAL A 116 1.83 -5.64 6.77
N GLY A 117 1.55 -6.83 7.29
CA GLY A 117 0.43 -7.62 6.81
C GLY A 117 -0.92 -7.13 7.32
N CYS A 118 -1.99 -7.64 6.73
CA CYS A 118 -3.35 -7.29 7.17
C CYS A 118 -3.86 -8.31 8.18
N ASP A 119 -3.39 -8.18 9.42
CA ASP A 119 -3.77 -9.13 10.47
C ASP A 119 -3.69 -8.48 11.86
N GLU A 120 -4.09 -9.25 12.88
CA GLU A 120 -3.97 -8.82 14.28
C GLU A 120 -2.58 -8.27 14.69
N PRO A 121 -1.49 -8.99 14.36
CA PRO A 121 -0.16 -8.47 14.71
C PRO A 121 0.11 -7.14 14.05
N GLY A 122 -0.40 -6.98 12.84
CA GLY A 122 -0.26 -5.74 12.12
C GLY A 122 -0.94 -4.59 12.83
N GLU A 123 -2.14 -4.87 13.35
CA GLU A 123 -2.89 -3.87 14.09
C GLU A 123 -2.20 -3.50 15.38
N ARG A 124 -1.56 -4.49 16.01
CA ARG A 124 -0.83 -4.27 17.26
C ARG A 124 0.36 -3.35 17.05
N ILE A 125 1.07 -3.53 15.94
CA ILE A 125 2.20 -2.66 15.61
C ILE A 125 1.71 -1.23 15.40
N VAL A 126 0.59 -1.09 14.71
CA VAL A 126 -0.02 0.22 14.49
C VAL A 126 -0.37 0.90 15.81
N GLU A 127 -0.95 0.13 16.73
CA GLU A 127 -1.26 0.63 18.07
C GLU A 127 0.01 1.09 18.79
N LEU A 128 0.99 0.18 18.87
CA LEU A 128 2.25 0.44 19.56
C LEU A 128 2.98 1.63 18.98
N LEU A 129 2.91 1.79 17.66
CA LEU A 129 3.56 2.91 16.99
C LEU A 129 2.93 4.24 17.37
N GLY A 130 1.60 4.29 17.36
CA GLY A 130 0.87 5.50 17.67
C GLY A 130 1.13 6.01 19.08
N SER A 131 1.20 5.09 20.02
CA SER A 131 1.44 5.44 21.43
C SER A 131 2.91 5.69 21.71
N SER A 132 3.78 5.32 20.76
CA SER A 132 5.21 5.53 20.93
C SER A 132 5.68 6.81 20.25
N GLY A 133 4.75 7.48 19.56
CA GLY A 133 5.04 8.76 18.94
C GLY A 133 5.68 8.67 17.57
N VAL A 134 5.78 7.47 17.02
CA VAL A 134 6.37 7.27 15.70
C VAL A 134 5.32 7.43 14.60
N THR A 135 5.64 8.22 13.58
CA THR A 135 4.74 8.40 12.45
C THR A 135 4.84 7.21 11.50
N PRO A 136 3.72 6.49 11.33
CA PRO A 136 3.71 5.29 10.49
C PRO A 136 3.52 5.59 9.01
N HIS A 137 4.26 4.87 8.16
CA HIS A 137 4.08 4.93 6.71
C HIS A 137 4.13 3.49 6.22
N LEU A 138 3.00 2.81 6.34
CA LEU A 138 2.96 1.36 6.19
C LEU A 138 2.29 0.91 4.89
N GLU A 139 2.93 -0.04 4.23
CA GLU A 139 2.35 -0.68 3.06
C GLU A 139 1.75 -2.01 3.49
N ARG A 140 0.53 -2.29 3.06
CA ARG A 140 -0.17 -3.48 3.51
C ARG A 140 -0.20 -4.59 2.45
N ASP A 141 0.25 -5.77 2.85
CA ASP A 141 0.23 -6.93 1.99
C ASP A 141 -0.50 -8.07 2.69
N PRO A 142 -1.76 -8.32 2.28
CA PRO A 142 -2.63 -9.33 2.89
C PRO A 142 -2.07 -10.74 2.75
N ALA A 143 -1.25 -10.96 1.73
CA ALA A 143 -0.61 -12.25 1.50
C ALA A 143 0.67 -12.38 2.32
N LEU A 144 1.04 -11.30 2.98
CA LEU A 144 2.23 -11.28 3.83
C LEU A 144 1.83 -11.32 5.30
N PRO A 145 2.38 -12.28 6.05
CA PRO A 145 2.20 -12.27 7.50
C PRO A 145 3.04 -11.17 8.11
N THR A 146 2.49 -10.43 9.06
CA THR A 146 3.26 -9.44 9.81
C THR A 146 4.38 -10.19 10.50
N THR A 147 5.62 -9.73 10.32
CA THR A 147 6.78 -10.43 10.85
C THR A 147 6.74 -10.56 12.38
N ILE A 148 6.78 -11.79 12.86
CA ILE A 148 6.72 -12.07 14.30
C ILE A 148 7.81 -13.03 14.72
N LYS A 149 8.53 -12.66 15.78
CA LYS A 149 9.45 -13.58 16.43
C LYS A 149 8.92 -13.94 17.81
N LEU A 150 8.28 -15.09 17.91
CA LEU A 150 7.66 -15.51 19.17
C LEU A 150 8.57 -16.42 19.98
N ARG A 151 8.70 -16.11 21.27
CA ARG A 151 9.48 -16.93 22.18
C ARG A 151 8.54 -17.67 23.13
N VAL A 152 8.87 -18.92 23.44
CA VAL A 152 8.11 -19.69 24.41
C VAL A 152 9.00 -20.06 25.58
N LEU A 153 8.64 -19.61 26.78
CA LEU A 153 9.49 -19.79 27.94
C LEU A 153 8.85 -20.54 29.10
N ALA A 154 9.67 -21.24 29.86
CA ALA A 154 9.25 -21.91 31.07
C ALA A 154 10.45 -21.98 32.02
N ARG A 155 10.19 -21.83 33.32
CA ARG A 155 11.26 -21.80 34.32
C ARG A 155 12.35 -20.80 33.94
N GLN A 156 11.95 -19.65 33.43
CA GLN A 156 12.87 -18.56 33.07
C GLN A 156 13.89 -18.97 32.01
N GLN A 157 13.49 -19.87 31.11
CA GLN A 157 14.35 -20.26 29.98
C GLN A 157 13.51 -20.58 28.74
N GLN A 158 14.11 -20.38 27.57
CA GLN A 158 13.42 -20.64 26.31
C GLN A 158 13.28 -22.12 26.03
N LEU A 159 12.28 -22.46 25.23
CA LEU A 159 12.01 -23.83 24.84
C LEU A 159 12.02 -23.94 23.32
N LEU A 160 11.52 -22.88 22.69
CA LEU A 160 11.35 -22.88 21.23
C LEU A 160 11.13 -21.45 20.76
N ARG A 161 11.59 -21.14 19.55
CA ARG A 161 11.29 -19.85 18.94
C ARG A 161 10.47 -20.05 17.67
N VAL A 162 9.42 -19.25 17.52
CA VAL A 162 8.50 -19.39 16.40
C VAL A 162 8.44 -18.13 15.54
N ASP A 163 8.75 -18.28 14.25
CA ASP A 163 8.78 -17.13 13.35
C ASP A 163 7.66 -17.16 12.31
N PHE A 164 6.98 -16.03 12.19
CA PHE A 164 6.03 -15.81 11.11
C PHE A 164 6.57 -14.69 10.23
N GLU A 165 6.87 -15.03 8.98
CA GLU A 165 7.48 -14.08 8.05
C GLU A 165 7.38 -14.60 6.62
N ALA A 166 7.40 -13.70 5.66
CA ALA A 166 7.41 -14.08 4.25
C ALA A 166 8.03 -13.00 3.38
N MET A 167 8.16 -13.29 2.10
CA MET A 167 8.74 -12.34 1.15
C MET A 167 7.67 -11.44 0.56
N PRO A 168 7.81 -10.12 0.75
CA PRO A 168 6.86 -9.16 0.20
C PRO A 168 6.85 -9.20 -1.32
N THR A 169 5.67 -9.05 -1.91
CA THR A 169 5.53 -9.10 -3.36
C THR A 169 6.22 -7.90 -4.01
N HIS A 170 6.59 -8.07 -5.28
CA HIS A 170 7.24 -7.01 -6.04
C HIS A 170 6.32 -5.80 -6.16
N GLU A 171 5.02 -6.08 -6.24
CA GLU A 171 4.00 -5.05 -6.30
C GLU A 171 4.03 -4.17 -5.05
N VAL A 172 4.19 -4.80 -3.89
CA VAL A 172 4.22 -4.08 -2.63
C VAL A 172 5.54 -3.32 -2.46
N LEU A 173 6.64 -3.94 -2.86
CA LEU A 173 7.96 -3.34 -2.74
C LEU A 173 8.08 -2.05 -3.55
N LEU A 174 7.53 -2.05 -4.76
CA LEU A 174 7.57 -0.85 -5.60
C LEU A 174 6.61 0.22 -5.11
N ALA A 175 5.50 -0.21 -4.51
CA ALA A 175 4.54 0.73 -3.95
C ALA A 175 5.18 1.51 -2.80
N GLY A 176 5.94 0.80 -1.97
CA GLY A 176 6.64 1.43 -0.87
C GLY A 176 7.78 2.30 -1.33
N LEU A 177 8.35 1.95 -2.49
CA LEU A 177 9.43 2.73 -3.07
C LEU A 177 8.92 4.06 -3.59
N ALA A 178 7.69 4.03 -4.10
CA ALA A 178 6.99 5.25 -4.52
C ALA A 178 6.74 6.14 -3.31
N ARG A 179 6.39 5.52 -2.18
CA ARG A 179 6.20 6.23 -0.93
C ARG A 179 7.49 6.92 -0.50
N PHE A 180 8.60 6.21 -0.66
CA PHE A 180 9.91 6.72 -0.28
C PHE A 180 10.26 8.01 -1.01
N ASP A 181 9.88 8.08 -2.28
CA ASP A 181 10.10 9.27 -3.09
C ASP A 181 9.35 10.47 -2.53
N VAL A 182 8.15 10.23 -2.01
CA VAL A 182 7.33 11.28 -1.43
C VAL A 182 7.82 11.63 -0.04
N LEU A 183 8.32 10.63 0.68
CA LEU A 183 8.74 10.80 2.07
C LEU A 183 10.14 11.38 2.23
N LEU A 184 11.03 11.06 1.28
CA LEU A 184 12.41 11.54 1.32
C LEU A 184 12.58 13.06 1.51
N PRO A 185 11.86 13.89 0.73
CA PRO A 185 12.08 15.34 0.88
C PRO A 185 11.52 15.91 2.18
N GLN A 186 10.77 15.09 2.92
CA GLN A 186 10.15 15.55 4.16
C GLN A 186 10.98 15.21 5.40
N HIS A 187 12.15 14.60 5.18
CA HIS A 187 13.00 14.19 6.30
C HIS A 187 14.43 14.70 6.15
N ASP A 188 15.10 14.87 7.29
CA ASP A 188 16.45 15.42 7.32
C ASP A 188 17.52 14.36 7.07
N VAL A 189 17.25 13.13 7.52
CA VAL A 189 18.21 12.05 7.40
C VAL A 189 17.49 10.70 7.29
N VAL A 190 18.08 9.77 6.55
CA VAL A 190 17.44 8.48 6.28
C VAL A 190 18.20 7.33 6.93
N LEU A 191 17.48 6.48 7.66
CA LEU A 191 18.09 5.35 8.35
C LEU A 191 17.57 4.03 7.79
N MET A 192 18.49 3.23 7.25
CA MET A 192 18.14 1.92 6.72
C MET A 192 18.33 0.84 7.79
N SER A 193 17.22 0.24 8.21
CA SER A 193 17.27 -0.81 9.24
C SER A 193 16.99 -2.17 8.62
N ASP A 194 18.05 -2.92 8.33
CA ASP A 194 17.92 -4.21 7.67
C ASP A 194 17.87 -5.39 8.64
N TYR A 195 16.89 -6.24 8.47
CA TYR A 195 16.78 -7.48 9.24
C TYR A 195 16.57 -8.66 8.29
N ALA A 196 16.82 -8.41 7.01
CA ALA A 196 16.75 -9.44 5.97
C ALA A 196 15.39 -10.12 5.88
N LYS A 197 14.33 -9.34 6.06
CA LYS A 197 12.97 -9.87 5.96
C LYS A 197 12.34 -9.54 4.61
N GLY A 198 13.08 -8.79 3.78
CA GLY A 198 12.65 -8.51 2.43
C GLY A 198 12.30 -7.06 2.16
N GLY A 199 12.04 -6.30 3.22
CA GLY A 199 11.63 -4.92 3.09
C GLY A 199 12.72 -3.97 2.62
N LEU A 200 13.94 -4.49 2.49
CA LEU A 200 15.05 -3.67 2.02
C LEU A 200 15.67 -4.20 0.72
N THR A 201 14.80 -4.66 -0.18
CA THR A 201 15.22 -5.17 -1.48
C THR A 201 15.76 -4.05 -2.36
N HIS A 202 15.16 -2.88 -2.25
CA HIS A 202 15.54 -1.73 -3.07
C HIS A 202 16.34 -0.69 -2.30
N VAL A 203 17.29 -1.16 -1.50
CA VAL A 203 18.15 -0.26 -0.73
C VAL A 203 19.05 0.57 -1.63
N THR A 204 19.70 -0.10 -2.58
CA THR A 204 20.65 0.54 -3.48
C THR A 204 20.06 1.77 -4.16
N THR A 205 18.80 1.66 -4.57
CA THR A 205 18.12 2.76 -5.24
C THR A 205 17.71 3.85 -4.24
N MET A 206 17.21 3.43 -3.09
CA MET A 206 16.81 4.36 -2.05
C MET A 206 17.99 5.20 -1.57
N ILE A 207 19.13 4.54 -1.39
CA ILE A 207 20.35 5.22 -0.98
C ILE A 207 20.75 6.27 -2.00
N GLU A 208 20.82 5.86 -3.26
CA GLU A 208 21.22 6.76 -4.35
C GLU A 208 20.31 7.98 -4.45
N LYS A 209 19.05 7.83 -4.05
CA LYS A 209 18.11 8.93 -4.09
C LYS A 209 18.36 9.93 -2.96
N ALA A 210 18.57 9.39 -1.76
CA ALA A 210 18.80 10.22 -0.58
C ALA A 210 20.13 10.97 -0.67
N ARG A 211 21.14 10.32 -1.24
CA ARG A 211 22.44 10.96 -1.42
C ARG A 211 22.35 12.09 -2.44
N ALA A 212 21.53 11.88 -3.46
CA ALA A 212 21.35 12.86 -4.51
C ALA A 212 20.62 14.10 -4.02
N ALA A 213 19.99 13.99 -2.84
CA ALA A 213 19.26 15.11 -2.26
C ALA A 213 20.02 15.72 -1.09
N GLY A 214 21.25 15.26 -0.88
CA GLY A 214 22.08 15.76 0.19
C GLY A 214 21.72 15.18 1.54
N LYS A 215 20.87 14.17 1.54
CA LYS A 215 20.46 13.52 2.79
C LYS A 215 21.44 12.40 3.13
N ALA A 216 21.77 12.28 4.41
CA ALA A 216 22.67 11.22 4.85
C ALA A 216 21.92 9.89 4.93
N VAL A 217 22.62 8.79 4.64
CA VAL A 217 22.01 7.47 4.70
C VAL A 217 22.75 6.57 5.68
N LEU A 218 22.07 6.18 6.76
CA LEU A 218 22.66 5.28 7.73
C LEU A 218 22.13 3.86 7.55
N VAL A 219 22.98 2.87 7.74
CA VAL A 219 22.61 1.47 7.51
C VAL A 219 22.99 0.54 8.66
N ASP A 220 21.98 0.03 9.37
CA ASP A 220 22.18 -1.07 10.30
C ASP A 220 22.05 -2.35 9.48
N PRO A 221 23.18 -3.05 9.28
CA PRO A 221 23.26 -4.14 8.30
C PRO A 221 22.79 -5.47 8.84
N LYS A 222 22.70 -6.46 7.96
CA LYS A 222 22.39 -7.83 8.35
C LYS A 222 22.81 -8.76 7.21
N GLY A 223 23.75 -9.66 7.50
CA GLY A 223 24.21 -10.61 6.51
C GLY A 223 25.68 -10.48 6.16
N ASP A 224 26.18 -11.43 5.37
CA ASP A 224 27.58 -11.45 4.98
C ASP A 224 27.80 -10.64 3.70
N ASP A 225 26.71 -10.32 3.01
CA ASP A 225 26.80 -9.60 1.74
C ASP A 225 26.27 -8.17 1.85
N TRP A 226 27.15 -7.21 1.64
CA TRP A 226 26.80 -5.80 1.78
C TRP A 226 26.92 -5.02 0.47
N ALA A 227 26.97 -5.73 -0.65
CA ALA A 227 27.06 -5.08 -1.95
C ALA A 227 25.85 -4.21 -2.23
N ARG A 228 24.75 -4.49 -1.52
CA ARG A 228 23.52 -3.74 -1.66
C ARG A 228 23.64 -2.34 -1.03
N TYR A 229 24.58 -2.19 -0.12
CA TYR A 229 24.67 -1.00 0.71
C TYR A 229 25.54 0.12 0.14
N ARG A 230 25.98 -0.02 -1.11
CA ARG A 230 26.85 0.99 -1.70
C ARG A 230 26.17 2.36 -1.84
N GLY A 231 26.89 3.40 -1.46
CA GLY A 231 26.36 4.76 -1.54
C GLY A 231 26.14 5.36 -0.16
N ALA A 232 26.04 4.48 0.83
CA ALA A 232 25.68 4.86 2.20
C ALA A 232 26.64 5.86 2.84
N SER A 233 26.08 6.78 3.63
CA SER A 233 26.88 7.74 4.37
C SER A 233 27.62 7.06 5.52
N LEU A 234 26.92 6.14 6.18
CA LEU A 234 27.47 5.45 7.34
C LEU A 234 26.85 4.07 7.53
N ILE A 235 27.69 3.09 7.84
CA ILE A 235 27.22 1.74 8.14
C ILE A 235 27.68 1.34 9.55
N THR A 236 26.83 0.61 10.26
CA THR A 236 27.07 0.35 11.69
C THR A 236 27.04 -1.14 12.05
N PRO A 237 28.17 -1.84 11.87
CA PRO A 237 28.27 -3.27 12.20
C PRO A 237 28.88 -3.53 13.58
N ASN A 238 28.71 -4.76 14.06
CA ASN A 238 29.35 -5.21 15.29
C ASN A 238 30.77 -5.68 14.99
N ARG A 239 31.48 -6.10 16.02
CA ARG A 239 32.75 -6.76 15.80
C ARG A 239 32.49 -8.10 15.11
N ALA A 240 31.35 -8.70 15.42
CA ALA A 240 30.96 -9.99 14.84
C ALA A 240 30.37 -9.82 13.46
N GLU A 241 29.56 -8.78 13.29
CA GLU A 241 28.92 -8.48 12.01
C GLU A 241 29.97 -8.19 10.93
N LEU A 242 31.06 -7.56 11.33
CA LEU A 242 32.14 -7.25 10.40
C LEU A 242 33.12 -8.41 10.29
N ARG A 243 33.19 -9.22 11.34
CA ARG A 243 34.11 -10.36 11.38
C ARG A 243 33.84 -11.33 10.24
N GLU A 244 32.57 -11.60 9.98
CA GLU A 244 32.19 -12.60 8.99
C GLU A 244 31.95 -12.00 7.60
N VAL A 245 32.55 -10.84 7.34
CA VAL A 245 32.48 -10.22 6.01
C VAL A 245 33.82 -9.64 5.55
N VAL A 246 34.52 -8.95 6.45
CA VAL A 246 35.83 -8.42 6.14
C VAL A 246 36.87 -9.51 6.36
N GLY A 247 36.50 -10.52 7.14
CA GLY A 247 37.37 -11.63 7.46
C GLY A 247 38.02 -11.47 8.82
N GLN A 248 38.64 -12.54 9.33
CA GLN A 248 39.36 -12.47 10.61
C GLN A 248 40.66 -11.70 10.41
N TRP A 249 41.12 -11.04 11.47
CA TRP A 249 42.23 -10.11 11.32
C TRP A 249 43.27 -10.16 12.45
N LYS A 250 44.12 -9.14 12.51
CA LYS A 250 45.25 -9.14 13.45
C LYS A 250 45.18 -8.05 14.51
N SER A 251 45.54 -6.83 14.13
CA SER A 251 45.61 -5.74 15.11
C SER A 251 44.94 -4.43 14.66
N GLU A 252 44.98 -3.42 15.52
CA GLU A 252 44.27 -2.16 15.35
C GLU A 252 44.75 -1.31 14.17
N ASP A 253 45.99 -1.55 13.73
CA ASP A 253 46.51 -0.85 12.55
C ASP A 253 46.02 -1.55 11.29
N ASP A 254 45.90 -2.87 11.38
CA ASP A 254 45.34 -3.68 10.31
C ASP A 254 43.83 -3.49 10.24
N LEU A 255 43.27 -2.98 11.32
CA LEU A 255 41.85 -2.65 11.39
C LEU A 255 41.50 -1.65 10.30
N ARG A 256 42.26 -0.55 10.26
CA ARG A 256 42.08 0.48 9.23
C ARG A 256 42.41 -0.08 7.85
N ALA A 257 43.41 -0.96 7.79
CA ALA A 257 43.88 -1.50 6.52
C ALA A 257 42.79 -2.19 5.72
N ARG A 258 41.92 -2.93 6.39
CA ARG A 258 40.83 -3.63 5.72
C ARG A 258 39.59 -2.77 5.55
N VAL A 259 39.19 -2.09 6.62
CA VAL A 259 37.97 -1.29 6.64
C VAL A 259 38.02 -0.13 5.65
N ALA A 260 39.18 0.51 5.54
CA ALA A 260 39.35 1.59 4.56
C ALA A 260 39.22 1.06 3.14
N ASN A 261 39.65 -0.19 2.92
CA ASN A 261 39.47 -0.84 1.63
C ASN A 261 38.00 -1.13 1.35
N LEU A 262 37.26 -1.41 2.42
CA LEU A 262 35.83 -1.70 2.30
C LEU A 262 35.06 -0.42 1.98
N ARG A 263 35.53 0.69 2.53
CA ARG A 263 34.93 1.99 2.27
C ARG A 263 35.18 2.42 0.83
N ALA A 264 36.13 1.77 0.18
CA ALA A 264 36.44 2.04 -1.21
C ALA A 264 35.65 1.11 -2.13
N GLU A 265 35.60 -0.16 -1.76
CA GLU A 265 34.87 -1.17 -2.54
C GLU A 265 33.42 -0.75 -2.77
N LEU A 266 32.82 -0.15 -1.76
CA LEU A 266 31.47 0.36 -1.84
C LEU A 266 31.51 1.84 -1.49
N ASP A 267 30.85 2.67 -2.30
CA ASP A 267 30.83 4.12 -2.06
C ASP A 267 30.31 4.43 -0.66
N ILE A 268 31.09 4.09 0.36
CA ILE A 268 30.68 4.29 1.74
C ILE A 268 31.63 5.21 2.49
N ASP A 269 31.09 6.33 2.95
CA ASP A 269 31.91 7.40 3.52
C ASP A 269 32.49 7.06 4.89
N ALA A 270 31.70 6.42 5.75
CA ALA A 270 32.14 6.14 7.10
C ALA A 270 31.61 4.82 7.64
N LEU A 271 32.34 4.23 8.58
CA LEU A 271 31.91 3.01 9.25
C LEU A 271 32.04 3.18 10.76
N LEU A 272 30.99 2.82 11.48
CA LEU A 272 31.03 2.89 12.94
C LEU A 272 31.06 1.48 13.52
N LEU A 273 32.21 1.11 14.08
CA LEU A 273 32.41 -0.25 14.58
C LEU A 273 32.15 -0.33 16.07
N THR A 274 31.08 -1.03 16.45
CA THR A 274 30.71 -1.17 17.87
C THR A 274 31.40 -2.37 18.51
N ARG A 275 32.30 -2.09 19.44
CA ARG A 275 33.16 -3.12 20.01
C ARG A 275 32.83 -3.52 21.45
N SER A 276 31.67 -3.09 21.94
CA SER A 276 31.17 -3.43 23.27
C SER A 276 32.38 -2.97 24.08
N GLU A 277 32.88 -3.87 24.92
CA GLU A 277 33.94 -3.55 25.88
C GLU A 277 34.90 -2.43 25.51
N GLU A 278 35.44 -2.49 24.30
CA GLU A 278 36.36 -1.47 23.81
C GLU A 278 35.64 -0.19 23.45
N GLY A 279 34.31 -0.26 23.42
CA GLY A 279 33.49 0.87 23.05
C GLY A 279 33.13 0.84 21.58
N MET A 280 33.38 1.95 20.88
CA MET A 280 33.15 2.00 19.44
C MET A 280 34.06 3.02 18.75
N THR A 281 34.32 2.77 17.46
CA THR A 281 35.22 3.63 16.71
C THR A 281 34.65 4.06 15.35
N LEU A 282 34.60 5.37 15.11
CA LEU A 282 34.16 5.91 13.83
C LEU A 282 35.31 5.93 12.83
N PHE A 283 34.99 5.69 11.57
CA PHE A 283 36.01 5.70 10.53
C PHE A 283 35.68 6.72 9.43
N SER A 284 36.17 7.95 9.61
CA SER A 284 36.03 8.98 8.60
C SER A 284 37.13 8.80 7.56
N ALA A 285 37.17 9.69 6.57
CA ALA A 285 38.26 9.69 5.61
C ALA A 285 39.34 10.63 6.13
N GLY A 286 38.96 11.49 7.07
CA GLY A 286 39.88 12.45 7.65
C GLY A 286 40.29 12.09 9.06
N GLY A 287 40.36 10.80 9.34
CA GLY A 287 40.82 10.33 10.64
C GLY A 287 39.89 9.33 11.29
N GLU A 288 40.11 9.09 12.58
CA GLU A 288 39.31 8.14 13.35
C GLU A 288 38.87 8.77 14.66
N LEU A 289 38.18 7.98 15.47
CA LEU A 289 37.72 8.41 16.79
C LEU A 289 37.40 7.19 17.63
N HIS A 290 37.77 7.21 18.91
CA HIS A 290 37.42 6.11 19.80
C HIS A 290 36.49 6.58 20.91
N ALA A 291 35.56 5.71 21.29
CA ALA A 291 34.61 6.02 22.35
C ALA A 291 34.33 4.78 23.18
N PRO A 292 35.13 4.57 24.23
CA PRO A 292 35.04 3.37 25.08
C PRO A 292 33.77 3.34 25.95
N ALA A 293 33.75 2.40 26.89
CA ALA A 293 32.63 2.27 27.82
C ALA A 293 32.42 3.54 28.62
N LEU A 294 31.18 3.76 29.06
CA LEU A 294 30.82 4.97 29.80
C LEU A 294 30.08 4.62 31.08
N ALA A 295 28.94 3.95 30.96
CA ALA A 295 28.16 3.58 32.13
C ALA A 295 28.75 2.36 32.81
N ARG A 296 28.14 1.94 33.92
CA ARG A 296 28.66 0.79 34.67
C ARG A 296 27.57 -0.21 35.05
N GLU A 297 26.77 -0.60 34.07
CA GLU A 297 25.75 -1.63 34.25
C GLU A 297 25.66 -2.46 32.98
N VAL A 298 25.76 -3.78 33.13
CA VAL A 298 25.60 -4.68 32.00
C VAL A 298 24.38 -5.56 32.25
N PHE A 299 23.29 -4.91 32.67
CA PHE A 299 22.06 -5.61 33.02
C PHE A 299 21.47 -6.34 31.82
N ASP A 300 21.39 -5.65 30.69
CA ASP A 300 20.86 -6.24 29.46
C ASP A 300 21.39 -5.55 28.21
N VAL A 301 21.98 -6.35 27.32
CA VAL A 301 22.62 -5.83 26.10
C VAL A 301 21.61 -5.52 25.00
N SER A 302 20.53 -6.30 24.94
CA SER A 302 19.54 -6.20 23.87
C SER A 302 19.01 -4.78 23.62
N GLY A 303 19.05 -4.36 22.36
CA GLY A 303 18.55 -3.05 21.98
C GLY A 303 19.61 -1.97 21.95
N ALA A 304 20.81 -2.29 22.40
CA ALA A 304 21.89 -1.33 22.46
C ALA A 304 22.31 -0.83 21.09
N GLY A 305 22.40 -1.74 20.12
CA GLY A 305 22.79 -1.38 18.77
C GLY A 305 21.77 -0.50 18.09
N ASP A 306 20.50 -0.84 18.25
CA ASP A 306 19.40 -0.05 17.70
C ASP A 306 19.40 1.36 18.27
N THR A 307 19.73 1.48 19.54
CA THR A 307 19.78 2.77 20.22
C THR A 307 20.91 3.64 19.66
N VAL A 308 22.05 3.01 19.37
CA VAL A 308 23.21 3.72 18.84
C VAL A 308 22.92 4.41 17.52
N ILE A 309 22.51 3.64 16.53
CA ILE A 309 22.30 4.17 15.18
C ILE A 309 21.12 5.16 15.14
N ALA A 310 20.17 4.98 16.04
CA ALA A 310 19.00 5.86 16.11
C ALA A 310 19.40 7.24 16.62
N THR A 311 20.40 7.26 17.50
CA THR A 311 20.88 8.51 18.07
C THR A 311 21.66 9.33 17.05
N VAL A 312 22.61 8.68 16.37
CA VAL A 312 23.40 9.35 15.34
C VAL A 312 22.50 10.00 14.30
N ALA A 313 21.49 9.26 13.86
CA ALA A 313 20.52 9.76 12.89
C ALA A 313 19.80 11.01 13.39
N THR A 314 19.19 10.90 14.58
CA THR A 314 18.45 12.02 15.16
C THR A 314 19.35 13.22 15.41
N MET A 315 20.59 12.97 15.85
CA MET A 315 21.53 14.04 16.09
C MET A 315 21.92 14.76 14.79
N LEU A 316 22.20 13.98 13.75
CA LEU A 316 22.55 14.54 12.45
C LEU A 316 21.41 15.38 11.90
N GLY A 317 20.19 14.90 12.09
CA GLY A 317 19.01 15.60 11.62
C GLY A 317 18.82 16.96 12.27
N ALA A 318 19.35 17.10 13.49
CA ALA A 318 19.25 18.35 14.21
C ALA A 318 20.40 19.29 13.86
N GLY A 319 21.27 18.84 12.96
CA GLY A 319 22.40 19.64 12.53
C GLY A 319 23.58 19.55 13.48
N VAL A 320 23.93 18.32 13.86
CA VAL A 320 25.06 18.08 14.76
C VAL A 320 26.18 17.37 14.01
N PRO A 321 27.43 17.83 14.19
CA PRO A 321 28.62 17.22 13.59
C PRO A 321 28.67 15.71 13.82
N LEU A 322 29.21 14.98 12.84
CA LEU A 322 29.24 13.52 12.90
C LEU A 322 30.03 13.01 14.09
N VAL A 323 31.13 13.70 14.40
CA VAL A 323 31.96 13.32 15.52
C VAL A 323 31.19 13.44 16.82
N ASP A 324 30.47 14.55 16.98
CA ASP A 324 29.65 14.78 18.17
C ASP A 324 28.50 13.79 18.23
N ALA A 325 27.95 13.45 17.08
CA ALA A 325 26.81 12.54 17.00
C ALA A 325 27.19 11.13 17.45
N VAL A 326 28.42 10.75 17.16
CA VAL A 326 28.93 9.44 17.55
C VAL A 326 29.04 9.32 19.08
N VAL A 327 29.46 10.41 19.73
CA VAL A 327 29.58 10.44 21.17
C VAL A 327 28.22 10.26 21.85
N LEU A 328 27.22 11.00 21.36
CA LEU A 328 25.88 10.94 21.91
C LEU A 328 25.24 9.57 21.74
N ALA A 329 25.68 8.84 20.72
CA ALA A 329 25.20 7.47 20.51
C ALA A 329 25.88 6.53 21.49
N ASN A 330 27.10 6.86 21.90
CA ASN A 330 27.84 6.06 22.86
C ASN A 330 27.27 6.18 24.27
N ARG A 331 26.85 7.39 24.62
CA ARG A 331 26.22 7.63 25.91
C ARG A 331 24.87 6.96 25.97
N ALA A 332 24.10 7.12 24.90
CA ALA A 332 22.79 6.49 24.79
C ALA A 332 22.93 4.98 24.93
N ALA A 333 23.95 4.44 24.27
CA ALA A 333 24.27 3.02 24.36
C ALA A 333 24.58 2.63 25.80
N GLY A 334 25.54 3.33 26.40
CA GLY A 334 25.96 3.05 27.76
C GLY A 334 24.81 3.02 28.76
N ILE A 335 23.89 3.98 28.62
CA ILE A 335 22.77 4.10 29.54
C ILE A 335 21.75 2.96 29.39
N VAL A 336 21.34 2.66 28.16
CA VAL A 336 20.30 1.64 27.94
C VAL A 336 20.72 0.24 28.37
N VAL A 337 22.02 0.01 28.54
CA VAL A 337 22.51 -1.28 28.99
C VAL A 337 22.10 -1.54 30.45
N GLY A 338 21.80 -0.45 31.17
CA GLY A 338 21.36 -0.56 32.54
C GLY A 338 19.86 -0.79 32.65
N LYS A 339 19.24 -1.17 31.54
CA LYS A 339 17.79 -1.39 31.48
C LYS A 339 17.45 -2.57 30.57
N LEU A 340 16.24 -3.10 30.74
CA LEU A 340 15.80 -4.28 29.97
C LEU A 340 15.64 -4.02 28.48
N GLY A 341 15.98 -5.05 27.69
CA GLY A 341 15.93 -5.03 26.23
C GLY A 341 15.67 -3.74 25.51
N THR A 342 14.47 -3.62 24.94
CA THR A 342 14.03 -2.39 24.30
C THR A 342 13.86 -1.31 25.36
N ALA A 343 14.92 -0.54 25.58
CA ALA A 343 14.90 0.57 26.53
C ALA A 343 15.38 1.81 25.80
N THR A 344 15.01 2.98 26.31
CA THR A 344 15.33 4.22 25.63
C THR A 344 15.91 5.30 26.53
N VAL A 345 16.91 6.00 25.99
CA VAL A 345 17.46 7.18 26.63
C VAL A 345 16.71 8.38 26.10
N ASP A 346 16.16 9.20 27.00
CA ASP A 346 15.56 10.45 26.58
C ASP A 346 16.58 11.58 26.75
N TYR A 347 16.14 12.81 26.54
CA TYR A 347 17.01 13.96 26.55
C TYR A 347 17.72 14.15 27.90
N ASP A 348 16.94 14.14 28.98
CA ASP A 348 17.44 14.43 30.32
C ASP A 348 18.55 13.49 30.77
N GLU A 349 18.56 12.28 30.26
CA GLU A 349 19.58 11.30 30.61
C GLU A 349 20.90 11.59 29.88
N LEU A 350 20.82 12.34 28.80
CA LEU A 350 22.03 12.77 28.08
C LEU A 350 22.54 14.10 28.63
N GLU B 42 -25.43 -10.53 -34.72
CA GLU B 42 -24.76 -10.64 -36.01
C GLU B 42 -23.62 -11.64 -35.96
N VAL B 43 -23.04 -11.82 -34.76
CA VAL B 43 -21.83 -12.62 -34.63
C VAL B 43 -22.03 -13.90 -33.80
N VAL B 44 -21.22 -14.91 -34.11
CA VAL B 44 -21.19 -16.19 -33.41
C VAL B 44 -20.86 -16.05 -31.92
N PRO B 45 -21.08 -17.12 -31.13
CA PRO B 45 -20.64 -17.06 -29.72
C PRO B 45 -19.12 -17.16 -29.54
N VAL B 46 -18.64 -16.85 -28.34
CA VAL B 46 -17.22 -16.90 -28.02
C VAL B 46 -16.93 -18.05 -27.07
N PRO B 47 -16.00 -18.94 -27.45
CA PRO B 47 -15.62 -20.14 -26.68
C PRO B 47 -15.27 -19.81 -25.22
N ARG B 48 -15.54 -20.74 -24.31
CA ARG B 48 -15.24 -20.55 -22.89
C ARG B 48 -13.74 -20.36 -22.65
N GLU B 49 -12.95 -21.17 -23.32
CA GLU B 49 -11.49 -21.14 -23.17
C GLU B 49 -10.91 -19.76 -23.52
N GLN B 50 -11.51 -19.11 -24.51
CA GLN B 50 -11.08 -17.77 -24.91
C GLN B 50 -11.32 -16.75 -23.80
N LEU B 51 -12.56 -16.67 -23.33
CA LEU B 51 -12.94 -15.73 -22.29
C LEU B 51 -12.16 -15.97 -21.00
N ALA B 52 -11.87 -17.24 -20.70
CA ALA B 52 -11.11 -17.60 -19.52
C ALA B 52 -9.69 -17.01 -19.54
N ARG B 53 -9.16 -16.78 -20.73
CA ARG B 53 -7.81 -16.23 -20.89
C ARG B 53 -7.78 -14.71 -20.78
N SER B 54 -8.96 -14.09 -20.79
CA SER B 54 -9.08 -12.65 -20.73
C SER B 54 -8.84 -12.12 -19.32
N ARG B 55 -7.95 -11.14 -19.21
CA ARG B 55 -7.60 -10.56 -17.91
C ARG B 55 -7.81 -9.05 -17.92
N VAL B 56 -8.82 -8.58 -17.18
CA VAL B 56 -9.14 -7.16 -17.17
C VAL B 56 -8.70 -6.48 -15.88
N LEU B 57 -7.89 -5.42 -16.01
CA LEU B 57 -7.48 -4.63 -14.87
C LEU B 57 -8.41 -3.42 -14.70
N VAL B 58 -9.26 -3.46 -13.68
CA VAL B 58 -10.16 -2.35 -13.42
C VAL B 58 -9.55 -1.39 -12.41
N VAL B 59 -9.34 -0.15 -12.83
CA VAL B 59 -8.78 0.87 -11.96
C VAL B 59 -9.79 1.99 -11.73
N GLY B 60 -9.92 2.43 -10.48
CA GLY B 60 -10.84 3.48 -10.15
C GLY B 60 -11.27 3.50 -8.70
N ASP B 61 -12.40 4.14 -8.43
CA ASP B 61 -12.90 4.31 -7.08
C ASP B 61 -13.80 3.14 -6.66
N VAL B 62 -13.50 2.56 -5.51
CA VAL B 62 -14.30 1.48 -4.98
C VAL B 62 -15.13 2.01 -3.81
N MET B 63 -16.31 1.43 -3.61
CA MET B 63 -17.17 1.85 -2.52
C MET B 63 -18.14 0.75 -2.11
N LEU B 64 -18.72 0.90 -0.92
CA LEU B 64 -19.65 -0.07 -0.39
C LEU B 64 -21.03 0.54 -0.23
N ASP B 65 -21.99 0.06 -1.01
CA ASP B 65 -23.36 0.49 -0.85
C ASP B 65 -23.99 -0.28 0.30
N ARG B 66 -24.41 0.44 1.33
CA ARG B 66 -25.00 -0.18 2.51
C ARG B 66 -26.41 0.33 2.75
N TYR B 67 -27.31 -0.58 3.10
CA TYR B 67 -28.72 -0.25 3.23
C TYR B 67 -29.29 -0.65 4.58
N TRP B 68 -29.88 0.31 5.28
CA TRP B 68 -30.51 0.05 6.58
C TRP B 68 -32.02 0.15 6.48
N PHE B 69 -32.70 -0.93 6.85
CA PHE B 69 -34.15 -0.98 6.82
C PHE B 69 -34.68 -1.05 8.26
N GLY B 70 -35.64 -0.19 8.58
CA GLY B 70 -36.20 -0.17 9.92
C GLY B 70 -37.65 0.25 9.99
N ASN B 71 -38.16 0.39 11.21
CA ASN B 71 -39.52 0.86 11.44
C ASN B 71 -39.54 2.20 12.16
N VAL B 72 -40.34 3.13 11.65
CA VAL B 72 -40.46 4.45 12.27
C VAL B 72 -41.82 4.57 12.94
N ASP B 73 -41.85 4.47 14.26
CA ASP B 73 -43.10 4.47 15.00
C ASP B 73 -43.27 5.69 15.89
N ARG B 74 -42.17 6.41 16.13
CA ARG B 74 -42.20 7.55 17.04
C ARG B 74 -41.27 8.69 16.62
N ILE B 75 -41.24 9.74 17.44
CA ILE B 75 -40.41 10.91 17.20
C ILE B 75 -39.43 11.10 18.36
N SER B 76 -38.18 11.45 18.03
CA SER B 76 -37.15 11.67 19.03
C SER B 76 -37.55 12.72 20.05
N PRO B 77 -37.29 12.45 21.34
CA PRO B 77 -37.56 13.42 22.42
C PRO B 77 -36.61 14.60 22.31
N GLU B 78 -35.45 14.37 21.71
CA GLU B 78 -34.41 15.38 21.57
C GLU B 78 -34.68 16.35 20.43
N ALA B 79 -35.27 15.85 19.33
CA ALA B 79 -35.43 16.64 18.13
C ALA B 79 -36.69 16.27 17.35
N PRO B 80 -37.21 17.20 16.54
CA PRO B 80 -38.40 16.92 15.71
C PRO B 80 -38.09 15.96 14.56
N VAL B 81 -37.41 14.86 14.86
CA VAL B 81 -36.97 13.95 13.82
C VAL B 81 -37.50 12.54 14.07
N PRO B 82 -37.73 11.78 13.00
CA PRO B 82 -38.18 10.39 13.11
C PRO B 82 -37.15 9.51 13.81
N VAL B 83 -37.59 8.41 14.39
CA VAL B 83 -36.69 7.44 15.00
C VAL B 83 -36.79 6.11 14.29
N VAL B 84 -35.72 5.76 13.55
CA VAL B 84 -35.70 4.52 12.80
C VAL B 84 -35.13 3.37 13.63
N HIS B 85 -35.99 2.42 13.97
CA HIS B 85 -35.53 1.20 14.63
C HIS B 85 -35.15 0.18 13.55
N VAL B 86 -33.87 0.12 13.23
CA VAL B 86 -33.36 -0.72 12.15
C VAL B 86 -33.58 -2.22 12.41
N GLN B 87 -34.12 -2.90 11.41
CA GLN B 87 -34.40 -4.33 11.53
C GLN B 87 -33.38 -5.19 10.80
N ARG B 88 -32.85 -4.69 9.68
CA ARG B 88 -31.87 -5.43 8.91
C ARG B 88 -30.94 -4.53 8.11
N GLN B 89 -29.79 -5.06 7.75
CA GLN B 89 -28.79 -4.33 6.97
C GLN B 89 -28.42 -5.13 5.72
N GLU B 90 -28.22 -4.42 4.60
CA GLU B 90 -27.80 -5.07 3.36
C GLU B 90 -26.65 -4.35 2.68
N GLU B 91 -25.60 -5.09 2.33
CA GLU B 91 -24.41 -4.52 1.71
C GLU B 91 -24.28 -4.93 0.25
N ARG B 92 -23.37 -4.27 -0.46
CA ARG B 92 -23.25 -4.46 -1.91
C ARG B 92 -21.99 -3.78 -2.44
N LEU B 93 -21.25 -4.48 -3.30
CA LEU B 93 -20.09 -3.87 -3.94
C LEU B 93 -20.53 -2.73 -4.86
N GLY B 94 -19.94 -1.57 -4.66
CA GLY B 94 -20.26 -0.40 -5.47
C GLY B 94 -19.04 0.20 -6.13
N GLY B 95 -19.25 1.21 -6.97
CA GLY B 95 -18.15 1.88 -7.65
C GLY B 95 -17.52 1.00 -8.72
N ALA B 96 -16.19 1.01 -8.76
CA ALA B 96 -15.45 0.23 -9.74
C ALA B 96 -15.49 -1.26 -9.44
N ALA B 97 -15.88 -1.60 -8.20
CA ALA B 97 -15.96 -2.99 -7.78
C ALA B 97 -17.04 -3.74 -8.56
N ASN B 98 -18.15 -3.08 -8.83
CA ASN B 98 -19.25 -3.70 -9.56
C ASN B 98 -18.89 -3.95 -11.02
N VAL B 99 -18.10 -3.05 -11.58
CA VAL B 99 -17.64 -3.20 -12.96
C VAL B 99 -16.75 -4.44 -13.07
N ALA B 100 -15.87 -4.62 -12.10
CA ALA B 100 -14.96 -5.75 -12.08
C ALA B 100 -15.72 -7.07 -11.89
N ARG B 101 -16.81 -7.01 -11.14
CA ARG B 101 -17.61 -8.20 -10.86
C ARG B 101 -18.30 -8.71 -12.12
N ASN B 102 -18.77 -7.79 -12.95
CA ASN B 102 -19.43 -8.14 -14.20
C ASN B 102 -18.52 -8.94 -15.12
N ALA B 103 -17.24 -8.58 -15.13
CA ALA B 103 -16.26 -9.22 -15.99
C ALA B 103 -16.07 -10.69 -15.62
N VAL B 104 -16.08 -10.97 -14.32
CA VAL B 104 -15.85 -12.32 -13.82
C VAL B 104 -16.97 -13.28 -14.20
N THR B 105 -18.21 -12.84 -14.04
CA THR B 105 -19.38 -13.68 -14.29
C THR B 105 -19.55 -14.05 -15.77
N LEU B 106 -18.93 -13.27 -16.65
CA LEU B 106 -18.98 -13.54 -18.08
C LEU B 106 -18.04 -14.67 -18.46
N GLY B 107 -17.15 -15.03 -17.53
CA GLY B 107 -16.23 -16.14 -17.74
C GLY B 107 -14.78 -15.70 -17.59
N GLY B 108 -14.52 -14.42 -17.78
CA GLY B 108 -13.17 -13.89 -17.71
C GLY B 108 -12.72 -13.64 -16.28
N GLN B 109 -11.43 -13.34 -16.13
CA GLN B 109 -10.88 -12.99 -14.83
C GLN B 109 -10.53 -11.51 -14.78
N ALA B 110 -10.66 -10.91 -13.61
CA ALA B 110 -10.41 -9.48 -13.45
C ALA B 110 -9.77 -9.11 -12.12
N GLY B 111 -8.98 -8.04 -12.12
CA GLY B 111 -8.37 -7.53 -10.92
C GLY B 111 -8.81 -6.10 -10.67
N LEU B 112 -8.78 -5.67 -9.41
CA LEU B 112 -9.23 -4.32 -9.08
C LEU B 112 -8.16 -3.51 -8.34
N LEU B 113 -7.64 -2.49 -9.00
CA LEU B 113 -6.70 -1.57 -8.38
C LEU B 113 -7.43 -0.34 -7.85
N CYS B 114 -7.49 -0.23 -6.53
CA CYS B 114 -8.21 0.87 -5.89
C CYS B 114 -7.63 1.16 -4.51
N VAL B 115 -8.23 2.12 -3.82
CA VAL B 115 -7.79 2.47 -2.48
C VAL B 115 -8.94 2.34 -1.49
N VAL B 116 -8.69 1.66 -0.38
CA VAL B 116 -9.65 1.57 0.70
C VAL B 116 -9.02 2.03 2.02
N GLY B 117 -9.73 1.82 3.12
CA GLY B 117 -9.21 2.15 4.43
C GLY B 117 -8.93 0.89 5.23
N CYS B 118 -8.43 1.07 6.45
CA CYS B 118 -8.18 -0.06 7.33
C CYS B 118 -9.38 -0.27 8.24
N ASP B 119 -10.51 0.29 7.85
CA ASP B 119 -11.73 0.21 8.64
C ASP B 119 -12.55 -1.04 8.32
N GLU B 120 -13.74 -1.11 8.93
CA GLU B 120 -14.65 -2.23 8.73
C GLU B 120 -15.21 -2.38 7.30
N PRO B 121 -15.70 -1.28 6.68
CA PRO B 121 -16.22 -1.46 5.32
C PRO B 121 -15.18 -1.98 4.34
N GLY B 122 -13.93 -1.55 4.50
CA GLY B 122 -12.85 -2.02 3.65
C GLY B 122 -12.65 -3.51 3.75
N GLU B 123 -12.78 -4.04 4.96
CA GLU B 123 -12.62 -5.46 5.19
C GLU B 123 -13.76 -6.26 4.57
N ARG B 124 -14.97 -5.71 4.64
CA ARG B 124 -16.14 -6.36 4.04
C ARG B 124 -16.08 -6.31 2.52
N ILE B 125 -15.37 -5.31 1.99
CA ILE B 125 -15.16 -5.20 0.56
C ILE B 125 -14.24 -6.30 0.08
N VAL B 126 -13.14 -6.50 0.81
CA VAL B 126 -12.21 -7.58 0.52
C VAL B 126 -12.94 -8.93 0.54
N GLU B 127 -13.84 -9.10 1.50
CA GLU B 127 -14.68 -10.29 1.56
C GLU B 127 -15.55 -10.39 0.32
N LEU B 128 -16.30 -9.33 0.05
CA LEU B 128 -17.22 -9.29 -1.09
C LEU B 128 -16.50 -9.47 -2.42
N LEU B 129 -15.32 -8.88 -2.55
CA LEU B 129 -14.53 -9.02 -3.77
C LEU B 129 -14.12 -10.48 -3.97
N GLY B 130 -13.70 -11.12 -2.88
CA GLY B 130 -13.30 -12.52 -2.94
C GLY B 130 -14.48 -13.41 -3.28
N SER B 131 -15.65 -13.04 -2.78
CA SER B 131 -16.88 -13.78 -3.06
C SER B 131 -17.34 -13.52 -4.48
N SER B 132 -16.74 -12.52 -5.12
CA SER B 132 -17.12 -12.11 -6.46
C SER B 132 -16.11 -12.58 -7.50
N GLY B 133 -15.02 -13.18 -7.03
CA GLY B 133 -14.02 -13.73 -7.92
C GLY B 133 -13.08 -12.68 -8.48
N VAL B 134 -13.14 -11.48 -7.93
CA VAL B 134 -12.27 -10.40 -8.37
C VAL B 134 -11.00 -10.33 -7.52
N THR B 135 -9.85 -10.38 -8.17
CA THR B 135 -8.57 -10.30 -7.45
C THR B 135 -8.31 -8.89 -6.96
N PRO B 136 -8.25 -8.71 -5.63
CA PRO B 136 -8.06 -7.38 -5.04
C PRO B 136 -6.60 -6.94 -5.00
N HIS B 137 -6.33 -5.77 -5.57
CA HIS B 137 -5.02 -5.14 -5.49
C HIS B 137 -5.19 -3.78 -4.83
N LEU B 138 -5.24 -3.77 -3.51
CA LEU B 138 -5.70 -2.61 -2.77
C LEU B 138 -4.59 -1.87 -2.03
N GLU B 139 -4.77 -0.55 -1.93
CA GLU B 139 -3.89 0.29 -1.14
C GLU B 139 -4.68 0.78 0.07
N ARG B 140 -4.10 0.65 1.26
CA ARG B 140 -4.80 1.02 2.50
C ARG B 140 -4.28 2.34 3.05
N ASP B 141 -5.19 3.23 3.40
CA ASP B 141 -4.82 4.50 4.01
C ASP B 141 -5.63 4.72 5.29
N PRO B 142 -4.97 4.53 6.45
CA PRO B 142 -5.61 4.66 7.76
C PRO B 142 -6.20 6.04 8.02
N ALA B 143 -5.76 7.04 7.26
CA ALA B 143 -6.31 8.39 7.36
C ALA B 143 -7.48 8.56 6.40
N LEU B 144 -7.81 7.49 5.68
CA LEU B 144 -8.89 7.51 4.71
C LEU B 144 -9.96 6.49 5.04
N PRO B 145 -11.18 6.95 5.35
CA PRO B 145 -12.28 6.00 5.54
C PRO B 145 -12.69 5.39 4.20
N THR B 146 -12.96 4.09 4.20
CA THR B 146 -13.43 3.42 3.00
C THR B 146 -14.76 4.06 2.58
N THR B 147 -14.83 4.48 1.32
CA THR B 147 -16.01 5.14 0.79
C THR B 147 -17.25 4.26 0.92
N ILE B 148 -18.21 4.71 1.73
CA ILE B 148 -19.44 3.96 1.93
C ILE B 148 -20.67 4.87 1.89
N LYS B 149 -21.60 4.54 1.00
CA LYS B 149 -22.84 5.29 0.88
C LYS B 149 -23.98 4.53 1.54
N LEU B 150 -24.45 5.06 2.66
CA LEU B 150 -25.42 4.37 3.50
C LEU B 150 -26.84 4.90 3.34
N ARG B 151 -27.73 4.05 2.83
CA ARG B 151 -29.13 4.41 2.67
C ARG B 151 -29.93 3.96 3.88
N VAL B 152 -30.75 4.86 4.43
CA VAL B 152 -31.63 4.52 5.54
C VAL B 152 -33.08 4.56 5.08
N LEU B 153 -33.78 3.43 5.23
CA LEU B 153 -35.14 3.32 4.72
C LEU B 153 -36.17 2.85 5.76
N ALA B 154 -37.43 3.09 5.42
CA ALA B 154 -38.58 2.62 6.19
C ALA B 154 -39.81 2.78 5.32
N ARG B 155 -40.70 1.81 5.35
CA ARG B 155 -41.87 1.77 4.47
C ARG B 155 -41.47 1.89 3.01
N GLN B 156 -40.38 1.22 2.65
CA GLN B 156 -39.89 1.17 1.27
C GLN B 156 -39.54 2.53 0.68
N GLN B 157 -39.14 3.46 1.55
CA GLN B 157 -38.67 4.76 1.09
C GLN B 157 -37.48 5.24 1.91
N GLN B 158 -36.55 5.93 1.26
CA GLN B 158 -35.38 6.46 1.94
C GLN B 158 -35.77 7.64 2.83
N LEU B 159 -35.07 7.77 3.95
CA LEU B 159 -35.30 8.88 4.87
C LEU B 159 -34.10 9.82 4.86
N LEU B 160 -32.94 9.28 4.53
CA LEU B 160 -31.68 10.02 4.58
C LEU B 160 -30.57 9.18 3.96
N ARG B 161 -29.53 9.84 3.48
CA ARG B 161 -28.33 9.12 3.04
C ARG B 161 -27.09 9.63 3.78
N VAL B 162 -26.29 8.69 4.28
CA VAL B 162 -25.09 9.04 5.02
C VAL B 162 -23.86 8.57 4.25
N ASP B 163 -22.93 9.48 4.01
CA ASP B 163 -21.72 9.15 3.27
C ASP B 163 -20.45 9.33 4.08
N PHE B 164 -19.53 8.38 3.96
CA PHE B 164 -18.20 8.48 4.53
C PHE B 164 -17.18 8.43 3.41
N GLU B 165 -16.39 9.49 3.26
CA GLU B 165 -15.40 9.54 2.19
C GLU B 165 -14.39 10.65 2.39
N ALA B 166 -13.26 10.55 1.68
CA ALA B 166 -12.23 11.57 1.68
C ALA B 166 -11.32 11.38 0.47
N MET B 167 -10.34 12.27 0.32
CA MET B 167 -9.37 12.15 -0.76
C MET B 167 -8.13 11.41 -0.27
N PRO B 168 -7.59 10.51 -1.10
CA PRO B 168 -6.39 9.75 -0.71
C PRO B 168 -5.17 10.64 -0.62
N THR B 169 -4.24 10.29 0.27
CA THR B 169 -2.99 11.03 0.40
C THR B 169 -2.23 10.91 -0.93
N HIS B 170 -1.51 11.97 -1.29
CA HIS B 170 -0.70 11.94 -2.50
C HIS B 170 0.34 10.84 -2.42
N GLU B 171 0.77 10.53 -1.20
CA GLU B 171 1.66 9.42 -0.95
C GLU B 171 0.99 8.09 -1.32
N VAL B 172 -0.26 7.96 -0.94
CA VAL B 172 -1.06 6.77 -1.25
C VAL B 172 -1.30 6.62 -2.75
N LEU B 173 -1.61 7.74 -3.40
CA LEU B 173 -1.92 7.74 -4.83
C LEU B 173 -0.73 7.35 -5.70
N LEU B 174 0.47 7.72 -5.26
CA LEU B 174 1.68 7.39 -6.02
C LEU B 174 2.12 5.95 -5.78
N ALA B 175 1.81 5.43 -4.60
CA ALA B 175 2.09 4.03 -4.28
C ALA B 175 1.17 3.14 -5.12
N GLY B 176 -0.06 3.59 -5.31
CA GLY B 176 -1.02 2.88 -6.13
C GLY B 176 -0.61 2.91 -7.59
N LEU B 177 -0.03 4.03 -8.01
CA LEU B 177 0.45 4.18 -9.38
C LEU B 177 1.64 3.26 -9.62
N ALA B 178 2.42 3.05 -8.58
CA ALA B 178 3.56 2.13 -8.65
C ALA B 178 3.07 0.69 -8.82
N ARG B 179 1.99 0.35 -8.13
CA ARG B 179 1.37 -0.96 -8.27
C ARG B 179 0.87 -1.14 -9.70
N PHE B 180 0.37 -0.05 -10.28
CA PHE B 180 -0.15 -0.08 -11.65
C PHE B 180 0.92 -0.49 -12.65
N ASP B 181 2.15 -0.02 -12.43
CA ASP B 181 3.27 -0.41 -13.29
C ASP B 181 3.55 -1.91 -13.20
N VAL B 182 3.44 -2.45 -12.00
CA VAL B 182 3.70 -3.86 -11.77
C VAL B 182 2.57 -4.74 -12.29
N LEU B 183 1.34 -4.28 -12.11
CA LEU B 183 0.16 -5.04 -12.48
C LEU B 183 -0.10 -5.02 -13.98
N LEU B 184 0.34 -3.95 -14.63
CA LEU B 184 0.10 -3.74 -16.05
C LEU B 184 0.51 -4.89 -16.98
N PRO B 185 1.72 -5.46 -16.80
CA PRO B 185 2.09 -6.56 -17.72
C PRO B 185 1.27 -7.83 -17.49
N GLN B 186 0.47 -7.89 -16.43
CA GLN B 186 -0.25 -9.11 -16.09
C GLN B 186 -1.66 -9.17 -16.67
N HIS B 187 -2.10 -8.07 -17.28
CA HIS B 187 -3.46 -8.02 -17.80
C HIS B 187 -3.52 -7.75 -19.30
N ASP B 188 -4.64 -8.13 -19.91
CA ASP B 188 -4.85 -7.94 -21.34
C ASP B 188 -5.41 -6.56 -21.64
N VAL B 189 -6.37 -6.13 -20.84
CA VAL B 189 -7.07 -4.86 -21.06
C VAL B 189 -7.23 -4.08 -19.76
N VAL B 190 -7.00 -2.77 -19.84
CA VAL B 190 -7.16 -1.89 -18.68
C VAL B 190 -8.46 -1.09 -18.77
N LEU B 191 -9.23 -1.10 -17.70
CA LEU B 191 -10.51 -0.37 -17.65
C LEU B 191 -10.45 0.73 -16.60
N MET B 192 -10.68 1.98 -17.04
CA MET B 192 -10.70 3.12 -16.14
C MET B 192 -12.12 3.47 -15.72
N SER B 193 -12.48 3.10 -14.50
CA SER B 193 -13.80 3.38 -13.97
C SER B 193 -13.77 4.60 -13.06
N ASP B 194 -14.21 5.74 -13.58
CA ASP B 194 -14.12 7.00 -12.87
C ASP B 194 -15.38 7.34 -12.06
N TYR B 195 -15.21 7.60 -10.78
CA TYR B 195 -16.30 8.03 -9.92
C TYR B 195 -15.93 9.32 -9.17
N ALA B 196 -14.84 9.95 -9.60
CA ALA B 196 -14.39 11.23 -9.08
C ALA B 196 -14.21 11.28 -7.56
N LYS B 197 -13.72 10.19 -6.98
CA LYS B 197 -13.43 10.16 -5.55
C LYS B 197 -11.92 10.25 -5.31
N GLY B 198 -11.15 10.42 -6.38
CA GLY B 198 -9.72 10.65 -6.28
C GLY B 198 -8.83 9.52 -6.78
N GLY B 199 -9.40 8.32 -6.90
CA GLY B 199 -8.64 7.15 -7.28
C GLY B 199 -8.05 7.20 -8.68
N LEU B 200 -8.50 8.16 -9.48
CA LEU B 200 -8.00 8.32 -10.84
C LEU B 200 -7.31 9.66 -11.04
N THR B 201 -6.55 10.09 -10.02
CA THR B 201 -5.79 11.32 -10.10
C THR B 201 -4.73 11.21 -11.21
N HIS B 202 -4.17 10.02 -11.36
CA HIS B 202 -3.09 9.82 -12.32
C HIS B 202 -3.51 8.98 -13.53
N VAL B 203 -4.71 9.26 -14.07
CA VAL B 203 -5.19 8.53 -15.23
C VAL B 203 -4.31 8.73 -16.45
N THR B 204 -3.99 9.99 -16.73
CA THR B 204 -3.19 10.34 -17.90
C THR B 204 -1.89 9.55 -17.92
N THR B 205 -1.22 9.48 -16.78
CA THR B 205 0.01 8.70 -16.66
C THR B 205 -0.28 7.23 -16.91
N MET B 206 -1.32 6.71 -16.26
CA MET B 206 -1.74 5.32 -16.42
C MET B 206 -2.15 5.01 -17.85
N ILE B 207 -2.86 5.93 -18.49
CA ILE B 207 -3.27 5.77 -19.87
C ILE B 207 -2.05 5.62 -20.78
N GLU B 208 -1.11 6.57 -20.68
CA GLU B 208 0.13 6.51 -21.44
C GLU B 208 0.84 5.18 -21.23
N LYS B 209 1.05 4.83 -19.96
CA LYS B 209 1.78 3.62 -19.61
C LYS B 209 1.15 2.35 -20.17
N ALA B 210 -0.17 2.30 -20.17
CA ALA B 210 -0.88 1.11 -20.66
C ALA B 210 -0.88 1.03 -22.18
N ARG B 211 -1.01 2.17 -22.84
CA ARG B 211 -0.99 2.22 -24.30
C ARG B 211 0.41 1.92 -24.82
N ALA B 212 1.41 2.40 -24.10
CA ALA B 212 2.81 2.13 -24.44
C ALA B 212 3.13 0.65 -24.24
N ALA B 213 2.38 -0.01 -23.37
CA ALA B 213 2.53 -1.44 -23.15
C ALA B 213 1.75 -2.22 -24.20
N GLY B 214 1.06 -1.50 -25.08
CA GLY B 214 0.33 -2.11 -26.18
C GLY B 214 -0.97 -2.76 -25.75
N LYS B 215 -1.63 -2.18 -24.76
CA LYS B 215 -2.87 -2.73 -24.24
C LYS B 215 -4.02 -1.73 -24.30
N ALA B 216 -5.22 -2.24 -24.59
CA ALA B 216 -6.40 -1.40 -24.76
C ALA B 216 -6.80 -0.72 -23.45
N VAL B 217 -7.14 0.56 -23.54
CA VAL B 217 -7.56 1.33 -22.37
C VAL B 217 -8.97 1.87 -22.54
N LEU B 218 -9.89 1.38 -21.71
CA LEU B 218 -11.28 1.81 -21.77
C LEU B 218 -11.59 2.78 -20.63
N VAL B 219 -12.48 3.74 -20.88
CA VAL B 219 -12.81 4.76 -19.89
C VAL B 219 -14.31 4.97 -19.71
N ASP B 220 -14.79 4.76 -18.49
CA ASP B 220 -16.14 5.18 -18.11
C ASP B 220 -16.02 6.54 -17.45
N PRO B 221 -16.38 7.60 -18.19
CA PRO B 221 -16.09 8.98 -17.77
C PRO B 221 -17.03 9.50 -16.68
N LYS B 222 -16.51 10.43 -15.89
CA LYS B 222 -17.33 11.22 -14.98
C LYS B 222 -16.80 12.64 -14.99
N GLY B 223 -17.70 13.61 -15.06
CA GLY B 223 -17.31 15.01 -15.13
C GLY B 223 -17.43 15.54 -16.55
N ASP B 224 -17.01 16.79 -16.74
CA ASP B 224 -17.12 17.44 -18.05
C ASP B 224 -15.75 17.76 -18.63
N ASP B 225 -14.70 17.41 -17.90
CA ASP B 225 -13.33 17.71 -18.32
C ASP B 225 -12.90 16.89 -19.52
N TRP B 226 -12.51 15.64 -19.25
CA TRP B 226 -12.13 14.66 -20.27
C TRP B 226 -10.79 14.93 -20.94
N ALA B 227 -10.16 16.03 -20.57
CA ALA B 227 -8.82 16.33 -21.07
C ALA B 227 -7.84 15.35 -20.43
N ARG B 228 -8.18 14.89 -19.24
CA ARG B 228 -7.35 13.92 -18.51
C ARG B 228 -7.44 12.53 -19.11
N TYR B 229 -8.44 12.33 -19.97
CA TYR B 229 -8.70 11.01 -20.56
C TYR B 229 -7.98 10.78 -21.89
N ARG B 230 -7.16 11.76 -22.31
CA ARG B 230 -6.50 11.68 -23.61
C ARG B 230 -5.57 10.46 -23.75
N GLY B 231 -5.70 9.75 -24.86
CA GLY B 231 -4.87 8.58 -25.11
C GLY B 231 -5.66 7.28 -25.05
N ALA B 232 -6.83 7.33 -24.42
CA ALA B 232 -7.66 6.15 -24.25
C ALA B 232 -8.10 5.53 -25.57
N SER B 233 -8.14 4.20 -25.62
CA SER B 233 -8.60 3.50 -26.81
C SER B 233 -10.10 3.69 -27.02
N LEU B 234 -10.83 3.80 -25.92
CA LEU B 234 -12.28 3.90 -25.98
C LEU B 234 -12.85 4.55 -24.72
N ILE B 235 -13.77 5.48 -24.91
CA ILE B 235 -14.50 6.09 -23.81
C ILE B 235 -15.99 5.83 -24.01
N THR B 236 -16.71 5.56 -22.93
CA THR B 236 -18.11 5.15 -23.04
C THR B 236 -19.06 6.09 -22.29
N PRO B 237 -19.38 7.24 -22.91
CA PRO B 237 -20.32 8.17 -22.29
C PRO B 237 -21.75 7.89 -22.70
N ASN B 238 -22.70 8.19 -21.81
CA ASN B 238 -24.10 8.16 -22.21
C ASN B 238 -24.48 9.50 -22.84
N ARG B 239 -25.71 9.59 -23.36
CA ARG B 239 -26.16 10.76 -24.08
C ARG B 239 -26.12 12.02 -23.22
N ALA B 240 -26.42 11.87 -21.93
CA ALA B 240 -26.42 12.98 -21.00
C ALA B 240 -25.00 13.39 -20.62
N GLU B 241 -24.14 12.41 -20.38
CA GLU B 241 -22.74 12.67 -20.04
C GLU B 241 -22.04 13.42 -21.16
N LEU B 242 -22.40 13.11 -22.40
CA LEU B 242 -21.75 13.68 -23.57
C LEU B 242 -22.26 15.09 -23.87
N ARG B 243 -23.57 15.29 -23.74
CA ARG B 243 -24.19 16.55 -24.14
C ARG B 243 -23.74 17.75 -23.31
N GLU B 244 -23.41 17.54 -22.04
CA GLU B 244 -22.96 18.65 -21.21
C GLU B 244 -21.45 18.84 -21.32
N VAL B 245 -20.84 18.14 -22.29
CA VAL B 245 -19.42 18.28 -22.56
C VAL B 245 -19.18 18.98 -23.90
N VAL B 246 -19.75 18.44 -24.96
CA VAL B 246 -19.55 18.98 -26.31
C VAL B 246 -20.71 19.89 -26.73
N GLY B 247 -21.77 19.89 -25.94
CA GLY B 247 -22.96 20.66 -26.26
C GLY B 247 -24.01 19.80 -26.93
N GLN B 248 -25.21 20.35 -27.11
CA GLN B 248 -26.28 19.60 -27.78
C GLN B 248 -26.17 19.75 -29.29
N TRP B 249 -26.44 18.66 -29.99
CA TRP B 249 -26.36 18.62 -31.45
C TRP B 249 -27.73 18.30 -32.00
N LYS B 250 -28.05 18.82 -33.19
CA LYS B 250 -29.34 18.52 -33.79
C LYS B 250 -29.21 17.88 -35.17
N SER B 251 -28.59 16.69 -35.19
CA SER B 251 -28.44 15.87 -36.39
C SER B 251 -27.71 14.60 -35.98
N GLU B 252 -27.58 13.66 -36.91
CA GLU B 252 -26.71 12.53 -36.69
C GLU B 252 -25.35 12.89 -37.28
N ASP B 253 -25.39 13.63 -38.38
CA ASP B 253 -24.18 14.12 -39.04
C ASP B 253 -23.43 15.13 -38.17
N ASP B 254 -24.18 15.96 -37.46
CA ASP B 254 -23.57 16.92 -36.53
C ASP B 254 -22.85 16.13 -35.45
N LEU B 255 -23.54 15.11 -34.92
CA LEU B 255 -22.96 14.23 -33.92
C LEU B 255 -21.72 13.52 -34.45
N ARG B 256 -21.72 13.18 -35.73
CA ARG B 256 -20.58 12.55 -36.38
C ARG B 256 -19.36 13.46 -36.31
N ALA B 257 -19.56 14.73 -36.64
CA ALA B 257 -18.48 15.72 -36.66
C ALA B 257 -18.09 16.16 -35.25
N ARG B 258 -19.08 16.24 -34.35
CA ARG B 258 -18.83 16.60 -32.96
C ARG B 258 -17.89 15.62 -32.28
N VAL B 259 -18.12 14.33 -32.49
CA VAL B 259 -17.28 13.30 -31.88
C VAL B 259 -15.97 13.16 -32.64
N ALA B 260 -15.96 13.61 -33.88
CA ALA B 260 -14.74 13.56 -34.69
C ALA B 260 -13.71 14.56 -34.17
N ASN B 261 -14.20 15.73 -33.75
CA ASN B 261 -13.34 16.76 -33.20
C ASN B 261 -12.88 16.42 -31.79
N LEU B 262 -13.76 15.83 -31.00
CA LEU B 262 -13.44 15.46 -29.62
C LEU B 262 -12.40 14.34 -29.61
N ARG B 263 -12.55 13.39 -30.52
CA ARG B 263 -11.61 12.29 -30.65
C ARG B 263 -10.29 12.76 -31.27
N ALA B 264 -10.27 14.00 -31.74
CA ALA B 264 -9.06 14.60 -32.27
C ALA B 264 -8.32 15.35 -31.17
N GLU B 265 -9.03 16.25 -30.50
CA GLU B 265 -8.47 17.05 -29.41
C GLU B 265 -7.90 16.15 -28.32
N LEU B 266 -8.54 15.00 -28.14
CA LEU B 266 -8.08 13.97 -27.22
C LEU B 266 -7.73 12.81 -28.14
N ASP B 267 -6.52 12.27 -28.02
CA ASP B 267 -6.07 11.18 -28.90
C ASP B 267 -6.91 10.04 -28.30
N ILE B 268 -8.05 9.77 -28.94
CA ILE B 268 -8.98 8.74 -28.47
C ILE B 268 -9.48 8.02 -29.71
N ASP B 269 -9.13 6.74 -29.82
CA ASP B 269 -9.38 5.97 -31.04
C ASP B 269 -10.85 5.67 -31.32
N ALA B 270 -11.67 5.59 -30.28
CA ALA B 270 -13.08 5.25 -30.46
C ALA B 270 -13.97 5.80 -29.35
N LEU B 271 -15.24 5.99 -29.67
CA LEU B 271 -16.23 6.44 -28.69
C LEU B 271 -17.47 5.54 -28.76
N LEU B 272 -17.99 5.17 -27.60
CA LEU B 272 -19.20 4.37 -27.54
C LEU B 272 -20.30 5.14 -26.81
N LEU B 273 -21.23 5.69 -27.58
CA LEU B 273 -22.32 6.49 -27.03
C LEU B 273 -23.54 5.65 -26.71
N THR B 274 -23.98 5.67 -25.46
CA THR B 274 -25.17 4.95 -25.04
C THR B 274 -26.36 5.90 -24.90
N ARG B 275 -27.39 5.68 -25.71
CA ARG B 275 -28.51 6.61 -25.78
C ARG B 275 -29.81 6.00 -25.24
N SER B 276 -29.67 5.00 -24.36
CA SER B 276 -30.81 4.31 -23.76
C SER B 276 -31.71 3.79 -24.88
N GLU B 277 -32.97 4.19 -24.85
CA GLU B 277 -33.96 3.70 -25.82
C GLU B 277 -33.53 3.70 -27.29
N GLU B 278 -32.57 4.56 -27.62
CA GLU B 278 -32.02 4.61 -28.97
C GLU B 278 -30.93 3.56 -29.12
N GLY B 279 -30.67 2.83 -28.03
CA GLY B 279 -29.62 1.84 -28.00
C GLY B 279 -28.26 2.48 -27.79
N MET B 280 -27.24 1.98 -28.47
CA MET B 280 -25.91 2.58 -28.39
C MET B 280 -25.16 2.47 -29.72
N THR B 281 -24.32 3.46 -29.99
CA THR B 281 -23.62 3.55 -31.26
C THR B 281 -22.10 3.62 -31.06
N LEU B 282 -21.37 2.84 -31.86
CA LEU B 282 -19.92 2.86 -31.83
C LEU B 282 -19.37 3.91 -32.79
N PHE B 283 -18.64 4.89 -32.26
CA PHE B 283 -18.04 5.94 -33.07
C PHE B 283 -16.55 5.70 -33.27
N SER B 284 -16.22 4.53 -33.80
CA SER B 284 -14.83 4.16 -34.06
C SER B 284 -14.32 4.84 -35.33
N ALA B 285 -13.03 4.69 -35.59
CA ALA B 285 -12.42 5.23 -36.80
C ALA B 285 -12.85 4.40 -38.00
N GLY B 286 -13.09 3.12 -37.78
CA GLY B 286 -13.56 2.22 -38.83
C GLY B 286 -15.06 2.29 -38.98
N GLY B 287 -15.55 3.38 -39.55
CA GLY B 287 -16.97 3.56 -39.78
C GLY B 287 -17.76 3.69 -38.50
N GLU B 288 -19.01 3.23 -38.52
CA GLU B 288 -19.85 3.27 -37.34
C GLU B 288 -20.48 1.91 -37.09
N LEU B 289 -21.29 1.82 -36.03
CA LEU B 289 -21.99 0.59 -35.69
C LEU B 289 -23.11 0.92 -34.71
N HIS B 290 -24.34 0.54 -35.03
CA HIS B 290 -25.47 0.87 -34.17
C HIS B 290 -26.17 -0.38 -33.58
N ALA B 291 -26.42 -0.32 -32.27
CA ALA B 291 -27.18 -1.35 -31.56
C ALA B 291 -28.48 -0.75 -31.00
N PRO B 292 -29.61 -1.40 -31.26
CA PRO B 292 -30.85 -0.91 -30.66
C PRO B 292 -31.19 -1.53 -29.31
N ALA B 293 -32.25 -1.04 -28.68
CA ALA B 293 -32.77 -1.60 -27.45
C ALA B 293 -33.41 -3.00 -27.57
N LEU B 294 -33.23 -3.81 -26.51
CA LEU B 294 -33.81 -5.14 -26.48
C LEU B 294 -34.47 -5.42 -25.15
N GLU B 297 -38.24 -5.15 -21.98
CA GLU B 297 -38.58 -5.06 -20.56
C GLU B 297 -37.61 -4.16 -19.80
N VAL B 298 -38.11 -2.99 -19.38
CA VAL B 298 -37.31 -2.05 -18.59
C VAL B 298 -37.88 -1.96 -17.18
N PHE B 299 -37.28 -2.71 -16.26
CA PHE B 299 -37.78 -2.75 -14.88
C PHE B 299 -36.95 -1.87 -13.96
N ASP B 300 -35.63 -2.09 -13.96
CA ASP B 300 -34.74 -1.31 -13.11
C ASP B 300 -33.42 -1.01 -13.83
N VAL B 301 -33.18 0.27 -14.07
CA VAL B 301 -31.99 0.69 -14.81
C VAL B 301 -30.90 1.18 -13.86
N SER B 302 -30.18 0.23 -13.30
CA SER B 302 -29.05 0.51 -12.43
C SER B 302 -28.03 -0.59 -12.66
N GLY B 303 -26.78 -0.20 -12.93
CA GLY B 303 -25.71 -1.14 -13.18
C GLY B 303 -25.52 -1.42 -14.65
N ALA B 304 -26.41 -0.88 -15.48
CA ALA B 304 -26.36 -1.09 -16.92
C ALA B 304 -25.09 -0.53 -17.55
N GLY B 305 -24.68 0.66 -17.10
CA GLY B 305 -23.48 1.29 -17.58
C GLY B 305 -22.23 0.48 -17.27
N ASP B 306 -22.19 -0.06 -16.05
CA ASP B 306 -21.08 -0.90 -15.63
C ASP B 306 -21.07 -2.21 -16.42
N THR B 307 -22.26 -2.72 -16.72
CA THR B 307 -22.38 -3.94 -17.49
C THR B 307 -21.82 -3.78 -18.90
N VAL B 308 -22.17 -2.68 -19.54
CA VAL B 308 -21.73 -2.41 -20.91
C VAL B 308 -20.21 -2.42 -21.04
N ILE B 309 -19.56 -1.54 -20.29
CA ILE B 309 -18.12 -1.33 -20.44
C ILE B 309 -17.31 -2.54 -19.95
N ALA B 310 -17.83 -3.25 -18.95
CA ALA B 310 -17.15 -4.43 -18.45
C ALA B 310 -17.22 -5.54 -19.49
N THR B 311 -18.36 -5.62 -20.18
CA THR B 311 -18.54 -6.62 -21.22
C THR B 311 -17.57 -6.40 -22.37
N VAL B 312 -17.46 -5.15 -22.82
CA VAL B 312 -16.54 -4.80 -23.90
C VAL B 312 -15.10 -5.16 -23.54
N ALA B 313 -14.70 -4.83 -22.32
CA ALA B 313 -13.35 -5.05 -21.83
C ALA B 313 -12.95 -6.53 -21.87
N THR B 314 -13.82 -7.38 -21.34
CA THR B 314 -13.55 -8.82 -21.33
C THR B 314 -13.48 -9.40 -22.73
N MET B 315 -14.27 -8.84 -23.64
CA MET B 315 -14.27 -9.30 -25.02
C MET B 315 -12.97 -8.92 -25.72
N LEU B 316 -12.55 -7.66 -25.57
CA LEU B 316 -11.30 -7.20 -26.14
C LEU B 316 -10.13 -7.98 -25.58
N GLY B 317 -10.19 -8.29 -24.29
CA GLY B 317 -9.16 -9.06 -23.63
C GLY B 317 -9.16 -10.52 -24.07
N ALA B 318 -10.28 -10.95 -24.63
CA ALA B 318 -10.42 -12.31 -25.12
C ALA B 318 -10.10 -12.40 -26.62
N GLY B 319 -9.59 -11.31 -27.17
CA GLY B 319 -9.18 -11.28 -28.56
C GLY B 319 -10.31 -10.94 -29.51
N VAL B 320 -11.53 -10.85 -28.98
CA VAL B 320 -12.70 -10.55 -29.76
C VAL B 320 -12.64 -9.13 -30.32
N PRO B 321 -12.95 -8.96 -31.61
CA PRO B 321 -12.96 -7.63 -32.26
C PRO B 321 -13.85 -6.64 -31.52
N LEU B 322 -13.61 -5.35 -31.77
CA LEU B 322 -14.35 -4.29 -31.11
C LEU B 322 -15.83 -4.28 -31.49
N VAL B 323 -16.11 -4.48 -32.77
CA VAL B 323 -17.49 -4.50 -33.25
C VAL B 323 -18.31 -5.61 -32.59
N ASP B 324 -17.71 -6.78 -32.47
CA ASP B 324 -18.35 -7.90 -31.80
C ASP B 324 -18.50 -7.57 -30.31
N ALA B 325 -17.47 -6.95 -29.75
CA ALA B 325 -17.49 -6.57 -28.33
C ALA B 325 -18.65 -5.63 -28.02
N VAL B 326 -19.01 -4.80 -28.99
CA VAL B 326 -20.11 -3.85 -28.83
C VAL B 326 -21.47 -4.54 -28.94
N VAL B 327 -21.66 -5.40 -29.95
CA VAL B 327 -22.95 -6.07 -30.13
C VAL B 327 -23.26 -7.00 -28.96
N LEU B 328 -22.22 -7.50 -28.30
CA LEU B 328 -22.40 -8.35 -27.13
C LEU B 328 -22.69 -7.49 -25.92
N ALA B 329 -22.09 -6.30 -25.88
CA ALA B 329 -22.27 -5.37 -24.78
C ALA B 329 -23.69 -4.85 -24.73
N ASN B 330 -24.36 -4.81 -25.89
CA ASN B 330 -25.75 -4.39 -25.95
C ASN B 330 -26.67 -5.52 -25.52
N ARG B 331 -26.34 -6.74 -25.94
CA ARG B 331 -27.05 -7.93 -25.50
C ARG B 331 -27.01 -8.00 -23.98
N ALA B 332 -25.80 -7.90 -23.44
CA ALA B 332 -25.56 -7.91 -22.00
C ALA B 332 -26.40 -6.86 -21.30
N ALA B 333 -26.30 -5.62 -21.78
CA ALA B 333 -27.03 -4.50 -21.21
C ALA B 333 -28.53 -4.72 -21.29
N GLY B 334 -29.00 -5.21 -22.43
CA GLY B 334 -30.40 -5.45 -22.65
C GLY B 334 -31.00 -6.50 -21.74
N ILE B 335 -30.14 -7.26 -21.07
CA ILE B 335 -30.57 -8.30 -20.14
C ILE B 335 -30.57 -7.78 -18.70
N VAL B 336 -29.49 -7.08 -18.36
CA VAL B 336 -29.27 -6.55 -17.02
C VAL B 336 -30.35 -5.55 -16.59
N VAL B 337 -30.95 -4.87 -17.57
CA VAL B 337 -32.03 -3.92 -17.30
C VAL B 337 -33.26 -4.62 -16.73
N GLY B 338 -33.46 -5.89 -17.10
CA GLY B 338 -34.56 -6.66 -16.59
C GLY B 338 -34.25 -7.40 -15.29
N LYS B 339 -33.43 -6.79 -14.44
CA LYS B 339 -33.03 -7.41 -13.17
C LYS B 339 -32.98 -6.39 -12.02
N LEU B 340 -32.72 -6.89 -10.81
CA LEU B 340 -32.73 -6.07 -9.59
C LEU B 340 -31.41 -5.37 -9.32
N GLY B 341 -31.46 -4.05 -9.20
CA GLY B 341 -30.29 -3.23 -8.85
C GLY B 341 -29.01 -3.61 -9.57
N THR B 342 -28.01 -4.03 -8.81
CA THR B 342 -26.79 -4.56 -9.38
C THR B 342 -27.10 -5.93 -10.00
N ALA B 343 -26.71 -6.09 -11.26
CA ALA B 343 -26.98 -7.34 -11.96
C ALA B 343 -25.86 -7.66 -12.92
N THR B 344 -25.68 -8.95 -13.19
CA THR B 344 -24.56 -9.39 -14.00
C THR B 344 -24.92 -10.59 -14.87
N VAL B 345 -24.66 -10.47 -16.16
CA VAL B 345 -24.95 -11.52 -17.12
C VAL B 345 -23.91 -12.62 -17.04
N ASP B 346 -24.37 -13.86 -16.82
CA ASP B 346 -23.48 -15.01 -16.87
C ASP B 346 -23.33 -15.42 -18.34
N TYR B 347 -22.25 -16.12 -18.66
CA TYR B 347 -21.95 -16.58 -20.02
C TYR B 347 -23.20 -17.08 -20.76
N ASP B 348 -23.93 -17.98 -20.11
CA ASP B 348 -25.09 -18.62 -20.72
C ASP B 348 -26.18 -17.64 -21.16
N GLU B 349 -26.55 -16.72 -20.27
CA GLU B 349 -27.53 -15.68 -20.59
C GLU B 349 -27.09 -14.82 -21.78
N LEU B 350 -25.79 -14.58 -21.91
CA LEU B 350 -25.23 -13.80 -23.01
C LEU B 350 -25.42 -14.55 -24.31
N PHE B 351 -24.73 -15.68 -24.42
CA PHE B 351 -24.61 -16.41 -25.68
C PHE B 351 -25.73 -17.42 -25.96
N HIS B 352 -25.62 -18.62 -25.41
CA HIS B 352 -26.63 -19.65 -25.63
C HIS B 352 -27.88 -19.37 -24.79
CL1 IHC C . 26.45 -2.51 24.79
CL2 IHC C . 31.09 -2.56 27.81
C1 IHC C . 25.42 -7.00 19.51
N1 IHC C . 29.28 1.51 24.00
O1 IHC C . 26.41 -7.56 19.94
C2 IHC C . 25.28 -5.50 19.66
N2 IHC C . 28.79 1.49 26.28
O2 IHC C . 24.47 -7.73 18.92
C3 IHC C . 26.77 -3.71 20.34
N3 IHC C . 28.53 0.80 27.47
O3 IHC C . 26.59 -4.95 19.79
C4 IHC C . 25.67 -2.89 20.54
N4 IHC C . 29.02 -0.54 25.15
C5 IHC C . 25.83 -1.63 21.10
N5 IHC C . 29.35 -1.37 21.72
C6 IHC C . 27.12 -1.22 21.46
C7 IHC C . 29.09 -0.13 22.22
C8 IHC C . 29.94 0.97 22.83
C9 IHC C . 29.04 0.81 25.14
C10 IHC C . 28.52 -0.53 27.47
C11 IHC C . 28.78 -1.22 26.30
C12 IHC C . 28.77 -2.72 26.29
C13 IHC C . 27.75 -3.41 25.64
C14 IHC C . 27.73 -4.80 25.64
C15 IHC C . 28.73 -5.51 26.30
C16 IHC C . 29.74 -4.82 26.95
C17 IHC C . 29.76 -3.43 26.95
C18 IHC C . 28.23 -2.04 21.28
C19 IHC C . 28.05 -3.29 20.71
S IHC C . 27.45 0.22 22.13
K K D . 19.09 -2.64 26.72
CL1 IHC E . -34.55 1.07 -23.65
CL2 IHC E . -30.41 1.51 -20.05
C1 IHC E . -27.86 6.84 -17.76
N1 IHC E . -29.45 0.03 -25.08
O1 IHC E . -28.29 7.66 -18.55
C2 IHC E . -27.32 5.52 -18.24
N2 IHC E . -30.49 -1.60 -23.75
O2 IHC E . -27.88 7.13 -16.46
C3 IHC E . -27.35 4.16 -20.26
N3 IHC E . -31.39 -1.93 -22.73
O3 IHC E . -27.55 5.36 -19.64
C4 IHC E . -26.58 3.17 -19.64
N4 IHC E . -30.99 0.66 -23.45
C5 IHC E . -26.39 1.94 -20.29
N5 IHC E . -28.21 2.26 -23.36
C6 IHC E . -26.98 1.74 -21.53
C7 IHC E . -27.79 0.98 -23.64
C8 IHC E . -28.03 0.04 -24.79
C9 IHC E . -30.30 -0.31 -24.08
C10 IHC E . -32.05 -0.97 -22.09
C11 IHC E . -31.85 0.36 -22.45
C12 IHC E . -32.58 1.45 -21.75
C13 IHC E . -33.82 1.86 -22.21
C14 IHC E . -34.51 2.87 -21.55
C15 IHC E . -33.94 3.48 -20.44
C16 IHC E . -32.69 3.07 -19.99
C17 IHC E . -32.02 2.04 -20.64
C18 IHC E . -27.76 2.71 -22.15
C19 IHC E . -27.93 3.93 -21.51
S IHC E . -26.85 0.37 -22.39
K K F . -30.66 -3.64 -13.10
#